data_5GLP
#
_entry.id   5GLP
#
_cell.length_a   74.801
_cell.length_b   61.329
_cell.length_c   79.070
_cell.angle_alpha   90.00
_cell.angle_beta   95.51
_cell.angle_gamma   90.00
#
_symmetry.space_group_name_H-M   'P 1 21 1'
#
loop_
_entity.id
_entity.type
_entity.pdbx_description
1 polymer 'Glycoside hydrolase family 43'
2 non-polymer 'CALCIUM ION'
3 non-polymer 'SODIUM ION'
4 non-polymer alpha-L-arabinopyranose
5 non-polymer 'ACETATE ION'
6 water water
#
_entity_poly.entity_id   1
_entity_poly.type   'polypeptide(L)'
_entity_poly.pdbx_seq_one_letter_code
;MGSSHHHHHHSSGLVPRGSHMEPLVTHIYTADPSAHVFDGKVYIYPSHDIDAGTPENDMGDHFDMRDYHVLSMNSIPGEV
TDHGVALDIKDIPWAGRQLWAPDAASKDGKYYLYFPAKDKEDIFRIGVAVSDSPAGPFKPESEPIKGSYSIDPAVFKDDD
GKYYMYFGGIWGGQLQRWTTGEYAGHDASKTDLEQDDAPAIGPRIALMSDDMLSFAEPVKEISIVDEQGNPILGGDHDRR
FFEAAWMHKYNGTYYLSYSTGDTHYIVYATGDNPYGPFTYRGVILNPVIGWTNHHSIVEFNGKWYLFYHDSSLSGGKTHL
RCIKVTELTHNADGTIETISPYIE
;
_entity_poly.pdbx_strand_id   A,B
#
# COMPACT_ATOMS: atom_id res chain seq x y z
N VAL A 15 -25.86 -4.93 -17.65
CA VAL A 15 -26.20 -4.12 -16.45
C VAL A 15 -25.12 -3.06 -16.17
N PRO A 16 -25.45 -1.97 -15.43
CA PRO A 16 -24.42 -0.97 -15.11
C PRO A 16 -23.33 -1.46 -14.17
N ARG A 17 -22.09 -1.04 -14.44
CA ARG A 17 -20.89 -1.46 -13.71
C ARG A 17 -20.02 -0.25 -13.39
N GLY A 18 -19.14 -0.41 -12.40
CA GLY A 18 -18.23 0.65 -11.93
C GLY A 18 -18.71 1.49 -10.73
N SER A 19 -19.62 0.93 -9.94
CA SER A 19 -20.22 1.65 -8.80
C SER A 19 -19.43 1.57 -7.50
N HIS A 20 -18.91 0.38 -7.17
CA HIS A 20 -18.27 0.12 -5.86
C HIS A 20 -16.97 -0.67 -6.01
N MET A 21 -16.10 -0.22 -6.91
CA MET A 21 -14.83 -0.89 -7.21
C MET A 21 -15.00 -2.38 -7.60
N GLU A 22 -16.12 -2.71 -8.24
CA GLU A 22 -16.33 -4.07 -8.74
C GLU A 22 -15.64 -4.22 -10.10
N PRO A 23 -15.33 -5.46 -10.52
CA PRO A 23 -14.80 -5.64 -11.87
C PRO A 23 -15.73 -5.07 -12.92
N LEU A 24 -15.19 -4.28 -13.86
CA LEU A 24 -15.99 -3.67 -14.93
C LEU A 24 -16.50 -4.69 -15.94
N VAL A 25 -15.71 -5.72 -16.22
CA VAL A 25 -16.15 -6.88 -17.01
C VAL A 25 -15.67 -8.16 -16.34
N THR A 26 -16.43 -9.23 -16.53
CA THR A 26 -16.11 -10.56 -15.99
C THR A 26 -16.06 -11.69 -17.02
N HIS A 27 -16.59 -11.47 -18.22
CA HIS A 27 -16.62 -12.49 -19.27
C HIS A 27 -15.25 -12.73 -19.92
N ILE A 28 -14.37 -11.73 -19.84
CA ILE A 28 -12.96 -11.89 -20.20
C ILE A 28 -12.12 -11.26 -19.09
N TYR A 29 -10.85 -11.66 -19.02
CA TYR A 29 -9.91 -11.02 -18.10
C TYR A 29 -9.27 -9.82 -18.79
N THR A 30 -9.12 -8.73 -18.06
CA THR A 30 -8.66 -7.46 -18.61
C THR A 30 -7.63 -6.83 -17.70
N ALA A 31 -6.68 -6.09 -18.29
CA ALA A 31 -5.59 -5.49 -17.52
C ALA A 31 -5.07 -4.23 -18.18
N ASP A 32 -4.33 -3.44 -17.41
CA ASP A 32 -3.53 -2.34 -17.90
C ASP A 32 -4.40 -1.29 -18.61
N PRO A 33 -5.50 -0.86 -17.95
CA PRO A 33 -6.47 -0.03 -18.68
C PRO A 33 -6.02 1.38 -19.05
N SER A 34 -6.10 1.70 -20.35
CA SER A 34 -5.90 3.06 -20.84
C SER A 34 -7.25 3.65 -21.22
N ALA A 35 -7.73 4.60 -20.41
CA ALA A 35 -9.04 5.21 -20.63
C ALA A 35 -8.92 6.55 -21.33
N HIS A 36 -9.80 6.78 -22.31
CA HIS A 36 -9.91 8.04 -23.05
C HIS A 36 -11.36 8.44 -23.22
N VAL A 37 -11.59 9.73 -23.40
CA VAL A 37 -12.90 10.24 -23.76
C VAL A 37 -12.88 10.60 -25.26
N PHE A 38 -13.58 9.79 -26.05
CA PHE A 38 -13.76 10.03 -27.49
C PHE A 38 -15.27 10.02 -27.79
N ASP A 39 -15.74 10.97 -28.61
CA ASP A 39 -17.16 11.05 -28.97
C ASP A 39 -18.09 11.02 -27.77
N GLY A 40 -17.69 11.71 -26.70
CA GLY A 40 -18.47 11.79 -25.47
C GLY A 40 -18.64 10.50 -24.68
N LYS A 41 -17.87 9.46 -25.00
CA LYS A 41 -17.92 8.17 -24.31
C LYS A 41 -16.55 7.89 -23.73
N VAL A 42 -16.50 7.02 -22.73
CA VAL A 42 -15.22 6.53 -22.24
C VAL A 42 -14.86 5.26 -23.03
N TYR A 43 -13.74 5.31 -23.75
CA TYR A 43 -13.20 4.12 -24.41
C TYR A 43 -12.00 3.66 -23.59
N ILE A 44 -11.93 2.35 -23.35
CA ILE A 44 -10.88 1.76 -22.55
C ILE A 44 -10.13 0.77 -23.44
N TYR A 45 -8.81 0.88 -23.41
CA TYR A 45 -7.89 0.04 -24.19
C TYR A 45 -7.02 -0.73 -23.20
N PRO A 46 -7.47 -1.93 -22.79
CA PRO A 46 -6.74 -2.77 -21.87
C PRO A 46 -6.07 -3.94 -22.60
N SER A 47 -5.15 -4.59 -21.90
CA SER A 47 -4.68 -5.91 -22.31
C SER A 47 -5.80 -6.93 -22.12
N HIS A 48 -5.82 -7.96 -22.97
CA HIS A 48 -6.76 -9.06 -22.82
C HIS A 48 -6.02 -10.28 -22.29
N ASP A 49 -6.14 -10.49 -20.97
CA ASP A 49 -5.48 -11.59 -20.29
C ASP A 49 -6.12 -12.92 -20.66
N ILE A 50 -5.28 -13.94 -20.85
CA ILE A 50 -5.74 -15.30 -21.11
C ILE A 50 -4.92 -16.28 -20.28
N ASP A 51 -5.51 -17.45 -20.00
CA ASP A 51 -4.85 -18.44 -19.17
C ASP A 51 -3.92 -19.32 -20.02
N ALA A 52 -2.81 -18.74 -20.45
CA ALA A 52 -1.86 -19.44 -21.31
C ALA A 52 -1.17 -20.57 -20.56
N GLY A 53 -1.03 -20.42 -19.23
CA GLY A 53 -0.38 -21.42 -18.39
C GLY A 53 1.12 -21.53 -18.64
N THR A 54 1.73 -20.46 -19.15
CA THR A 54 3.17 -20.44 -19.44
C THR A 54 3.92 -20.24 -18.14
N PRO A 55 5.23 -20.58 -18.10
CA PRO A 55 6.00 -20.41 -16.85
C PRO A 55 5.97 -18.99 -16.27
N GLU A 56 5.66 -18.87 -14.97
CA GLU A 56 5.66 -17.58 -14.28
C GLU A 56 7.09 -17.27 -13.80
N ASN A 57 7.57 -16.08 -14.11
CA ASN A 57 8.93 -15.68 -13.73
C ASN A 57 9.05 -14.17 -13.81
N ASP A 58 10.19 -13.65 -13.35
CA ASP A 58 10.42 -12.22 -13.33
C ASP A 58 10.72 -11.58 -14.70
N MET A 59 10.69 -12.36 -15.79
CA MET A 59 10.72 -11.83 -17.16
C MET A 59 9.33 -11.66 -17.77
N GLY A 60 8.27 -12.04 -17.04
CA GLY A 60 6.89 -11.86 -17.48
C GLY A 60 6.36 -12.87 -18.49
N ASP A 61 6.98 -14.05 -18.58
CA ASP A 61 6.57 -15.05 -19.58
C ASP A 61 5.13 -15.55 -19.38
N HIS A 62 4.66 -15.48 -18.13
CA HIS A 62 3.25 -15.73 -17.78
C HIS A 62 2.20 -14.80 -18.45
N PHE A 63 2.63 -13.63 -18.93
CA PHE A 63 1.77 -12.73 -19.72
C PHE A 63 1.95 -13.01 -21.21
N ASP A 64 1.08 -13.85 -21.76
CA ASP A 64 1.21 -14.33 -23.15
C ASP A 64 -0.02 -13.97 -23.98
N MET A 65 -0.46 -12.73 -23.83
CA MET A 65 -1.66 -12.24 -24.48
C MET A 65 -1.49 -12.17 -25.99
N ARG A 66 -2.60 -12.35 -26.69
CA ARG A 66 -2.62 -12.54 -28.15
C ARG A 66 -3.53 -11.59 -28.92
N ASP A 67 -4.39 -10.82 -28.25
CA ASP A 67 -5.23 -9.85 -28.93
C ASP A 67 -5.67 -8.72 -28.00
N TYR A 68 -6.33 -7.73 -28.58
CA TYR A 68 -6.93 -6.62 -27.83
C TYR A 68 -8.42 -6.50 -28.15
N HIS A 69 -9.21 -6.27 -27.11
CA HIS A 69 -10.60 -5.84 -27.22
C HIS A 69 -10.72 -4.40 -26.75
N VAL A 70 -11.47 -3.57 -27.47
CA VAL A 70 -11.81 -2.23 -27.01
C VAL A 70 -13.10 -2.29 -26.19
N LEU A 71 -13.12 -1.58 -25.05
CA LEU A 71 -14.31 -1.47 -24.21
C LEU A 71 -14.81 -0.04 -24.24
N SER A 72 -16.11 0.15 -24.07
CA SER A 72 -16.65 1.50 -23.94
C SER A 72 -17.78 1.62 -22.93
N MET A 73 -17.90 2.81 -22.34
CA MET A 73 -18.95 3.15 -21.39
C MET A 73 -19.49 4.52 -21.76
N ASN A 74 -20.81 4.67 -21.68
CA ASN A 74 -21.46 5.96 -21.89
C ASN A 74 -21.55 6.80 -20.60
N SER A 75 -21.48 6.11 -19.46
CA SER A 75 -21.50 6.74 -18.14
C SER A 75 -20.68 5.90 -17.16
N ILE A 76 -20.27 6.51 -16.06
CA ILE A 76 -19.64 5.78 -14.95
C ILE A 76 -20.46 6.07 -13.69
N PRO A 77 -21.08 5.06 -13.07
CA PRO A 77 -21.16 3.68 -13.56
C PRO A 77 -21.99 3.56 -14.83
N GLY A 78 -21.81 2.46 -15.54
CA GLY A 78 -22.57 2.23 -16.77
C GLY A 78 -22.30 0.88 -17.39
N GLU A 79 -23.18 0.50 -18.30
CA GLU A 79 -23.02 -0.71 -19.08
C GLU A 79 -21.70 -0.63 -19.86
N VAL A 80 -20.93 -1.72 -19.84
CA VAL A 80 -19.65 -1.77 -20.54
C VAL A 80 -19.82 -2.60 -21.80
N THR A 81 -19.52 -1.99 -22.95
CA THR A 81 -19.62 -2.68 -24.24
C THR A 81 -18.25 -3.24 -24.64
N ASP A 82 -18.22 -4.51 -25.02
CA ASP A 82 -17.02 -5.19 -25.54
C ASP A 82 -17.19 -5.19 -27.06
N HIS A 83 -16.30 -4.48 -27.77
CA HIS A 83 -16.42 -4.34 -29.22
C HIS A 83 -15.83 -5.50 -30.03
N GLY A 84 -15.40 -6.58 -29.38
CA GLY A 84 -14.86 -7.76 -30.05
C GLY A 84 -13.36 -7.67 -30.17
N VAL A 85 -12.77 -8.40 -31.11
CA VAL A 85 -11.32 -8.38 -31.28
C VAL A 85 -10.97 -7.20 -32.16
N ALA A 86 -10.23 -6.24 -31.60
CA ALA A 86 -9.80 -5.05 -32.32
C ALA A 86 -8.51 -5.26 -33.10
N LEU A 87 -7.66 -6.14 -32.60
CA LEU A 87 -6.39 -6.50 -33.23
C LEU A 87 -5.94 -7.85 -32.70
N ASP A 88 -5.47 -8.70 -33.61
CA ASP A 88 -5.03 -10.05 -33.29
C ASP A 88 -3.57 -10.19 -33.70
N ILE A 89 -2.75 -10.78 -32.82
CA ILE A 89 -1.30 -10.90 -33.07
C ILE A 89 -0.99 -11.62 -34.39
N LYS A 90 -1.85 -12.54 -34.80
CA LYS A 90 -1.67 -13.25 -36.08
C LYS A 90 -1.72 -12.34 -37.31
N ASP A 91 -2.30 -11.15 -37.19
CA ASP A 91 -2.35 -10.17 -38.26
C ASP A 91 -1.32 -9.04 -38.16
N ILE A 92 -0.47 -9.09 -37.14
CA ILE A 92 0.61 -8.10 -36.97
C ILE A 92 1.87 -8.70 -37.60
N PRO A 93 2.27 -8.23 -38.80
CA PRO A 93 3.34 -8.92 -39.54
C PRO A 93 4.68 -9.03 -38.81
N TRP A 94 5.05 -7.98 -38.08
CA TRP A 94 6.33 -7.94 -37.37
C TRP A 94 6.36 -8.66 -36.02
N ALA A 95 5.20 -8.96 -35.45
CA ALA A 95 5.14 -9.44 -34.06
C ALA A 95 5.44 -10.94 -33.94
N GLY A 96 6.21 -11.30 -32.90
CA GLY A 96 6.49 -12.68 -32.52
C GLY A 96 5.55 -13.17 -31.43
N ARG A 97 5.54 -12.47 -30.30
CA ARG A 97 4.70 -12.84 -29.16
C ARG A 97 4.44 -11.66 -28.23
N GLN A 98 3.40 -11.82 -27.39
CA GLN A 98 3.16 -11.00 -26.19
C GLN A 98 2.65 -9.59 -26.42
N LEU A 99 1.32 -9.47 -26.49
CA LEU A 99 0.65 -8.19 -26.68
C LEU A 99 0.36 -7.57 -25.32
N TRP A 100 1.22 -6.66 -24.90
CA TRP A 100 1.17 -6.09 -23.56
C TRP A 100 0.41 -4.74 -23.55
N ALA A 101 0.57 -3.97 -22.47
CA ALA A 101 -0.28 -2.80 -22.18
C ALA A 101 -0.36 -1.77 -23.31
N PRO A 102 -1.55 -1.60 -23.91
CA PRO A 102 -1.71 -0.69 -25.05
C PRO A 102 -2.23 0.70 -24.66
N ASP A 103 -2.37 1.56 -25.67
CA ASP A 103 -3.00 2.85 -25.53
C ASP A 103 -3.56 3.27 -26.88
N ALA A 104 -4.35 4.34 -26.90
CA ALA A 104 -4.93 4.86 -28.13
C ALA A 104 -4.87 6.37 -28.18
N ALA A 105 -4.94 6.91 -29.38
CA ALA A 105 -5.03 8.34 -29.60
C ALA A 105 -5.92 8.64 -30.79
N SER A 106 -6.44 9.87 -30.82
CA SER A 106 -7.34 10.33 -31.86
C SER A 106 -6.73 11.58 -32.48
N LYS A 107 -6.66 11.62 -33.82
CA LYS A 107 -6.23 12.82 -34.53
C LYS A 107 -6.88 12.91 -35.91
N ASP A 108 -7.56 14.03 -36.17
CA ASP A 108 -8.16 14.33 -37.48
C ASP A 108 -9.04 13.20 -38.02
N GLY A 109 -9.92 12.70 -37.17
CA GLY A 109 -10.86 11.64 -37.53
C GLY A 109 -10.30 10.23 -37.69
N LYS A 110 -9.03 10.02 -37.36
CA LYS A 110 -8.42 8.70 -37.36
C LYS A 110 -8.09 8.32 -35.92
N TYR A 111 -8.07 7.02 -35.66
CA TYR A 111 -7.78 6.47 -34.35
C TYR A 111 -6.60 5.52 -34.47
N TYR A 112 -5.70 5.62 -33.49
CA TYR A 112 -4.42 4.92 -33.50
C TYR A 112 -4.31 4.09 -32.24
N LEU A 113 -4.08 2.79 -32.40
CA LEU A 113 -3.86 1.90 -31.27
C LEU A 113 -2.36 1.67 -31.19
N TYR A 114 -1.76 2.04 -30.05
CA TYR A 114 -0.33 1.82 -29.82
C TYR A 114 -0.15 0.63 -28.90
N PHE A 115 0.74 -0.28 -29.27
CA PHE A 115 0.88 -1.51 -28.54
C PHE A 115 2.33 -2.00 -28.49
N PRO A 116 2.76 -2.52 -27.33
CA PRO A 116 4.04 -3.16 -27.17
C PRO A 116 3.94 -4.64 -27.50
N ALA A 117 4.92 -5.14 -28.24
CA ALA A 117 5.01 -6.58 -28.52
C ALA A 117 6.44 -6.96 -28.85
N LYS A 118 6.80 -8.21 -28.61
CA LYS A 118 8.12 -8.69 -29.01
C LYS A 118 8.10 -9.00 -30.49
N ASP A 119 9.16 -8.58 -31.17
CA ASP A 119 9.35 -8.92 -32.58
C ASP A 119 9.84 -10.37 -32.67
N LYS A 120 10.21 -10.81 -33.87
CA LYS A 120 10.62 -12.20 -34.09
C LYS A 120 11.98 -12.52 -33.47
N GLU A 121 12.76 -11.49 -33.13
CA GLU A 121 14.01 -11.65 -32.38
C GLU A 121 13.82 -11.53 -30.85
N ASP A 122 12.57 -11.56 -30.38
CA ASP A 122 12.23 -11.52 -28.96
C ASP A 122 12.56 -10.18 -28.28
N ILE A 123 12.55 -9.11 -29.06
CA ILE A 123 12.85 -7.76 -28.59
C ILE A 123 11.56 -6.95 -28.63
N PHE A 124 11.17 -6.39 -27.49
CA PHE A 124 9.99 -5.53 -27.42
C PHE A 124 10.17 -4.28 -28.27
N ARG A 125 9.15 -3.98 -29.07
CA ARG A 125 9.04 -2.72 -29.79
C ARG A 125 7.62 -2.23 -29.64
N ILE A 126 7.34 -1.02 -30.10
CA ILE A 126 6.00 -0.46 -30.04
C ILE A 126 5.50 -0.21 -31.45
N GLY A 127 4.35 -0.80 -31.77
CA GLY A 127 3.71 -0.63 -33.07
C GLY A 127 2.46 0.22 -32.99
N VAL A 128 1.94 0.58 -34.16
CA VAL A 128 0.69 1.31 -34.28
C VAL A 128 -0.25 0.57 -35.22
N ALA A 129 -1.54 0.66 -34.92
CA ALA A 129 -2.60 0.18 -35.80
C ALA A 129 -3.64 1.27 -35.95
N VAL A 130 -4.28 1.34 -37.12
CA VAL A 130 -5.09 2.50 -37.51
C VAL A 130 -6.53 2.08 -37.80
N SER A 131 -7.47 2.93 -37.37
CA SER A 131 -8.88 2.74 -37.65
C SER A 131 -9.56 4.07 -37.88
N ASP A 132 -10.76 4.00 -38.45
CA ASP A 132 -11.66 5.14 -38.58
C ASP A 132 -12.60 5.29 -37.38
N SER A 133 -12.58 4.33 -36.44
CA SER A 133 -13.46 4.35 -35.27
C SER A 133 -12.66 4.14 -33.97
N PRO A 134 -13.10 4.80 -32.87
CA PRO A 134 -12.44 4.52 -31.58
C PRO A 134 -12.64 3.08 -31.09
N ALA A 135 -13.69 2.41 -31.58
CA ALA A 135 -13.98 1.02 -31.23
C ALA A 135 -13.19 0.01 -32.07
N GLY A 136 -12.43 0.46 -33.06
CA GLY A 136 -11.69 -0.43 -33.96
C GLY A 136 -12.65 -1.07 -34.95
N PRO A 137 -12.27 -2.18 -35.59
CA PRO A 137 -10.97 -2.82 -35.45
C PRO A 137 -9.87 -2.01 -36.15
N PHE A 138 -8.61 -2.37 -35.91
CA PHE A 138 -7.46 -1.57 -36.37
C PHE A 138 -6.59 -2.36 -37.32
N LYS A 139 -6.10 -1.70 -38.38
CA LYS A 139 -5.11 -2.30 -39.28
C LYS A 139 -3.69 -1.95 -38.81
N PRO A 140 -2.88 -2.96 -38.46
CA PRO A 140 -1.52 -2.68 -37.99
C PRO A 140 -0.57 -2.28 -39.12
N GLU A 141 0.35 -1.37 -38.81
CA GLU A 141 1.46 -1.08 -39.70
C GLU A 141 2.35 -2.31 -39.77
N SER A 142 3.00 -2.52 -40.91
CA SER A 142 3.75 -3.75 -41.13
C SER A 142 5.03 -3.85 -40.29
N GLU A 143 5.60 -2.71 -39.88
CA GLU A 143 6.78 -2.66 -39.02
C GLU A 143 6.46 -1.87 -37.74
N PRO A 144 7.22 -2.12 -36.66
CA PRO A 144 7.04 -1.27 -35.47
C PRO A 144 7.56 0.15 -35.70
N ILE A 145 7.27 1.04 -34.76
CA ILE A 145 7.71 2.43 -34.85
C ILE A 145 9.23 2.45 -34.85
N LYS A 146 9.81 3.14 -35.83
CA LYS A 146 11.28 3.28 -35.92
C LYS A 146 11.79 3.98 -34.67
N GLY A 147 12.78 3.39 -34.02
CA GLY A 147 13.37 3.95 -32.82
C GLY A 147 12.62 3.68 -31.52
N SER A 148 11.49 2.96 -31.58
CA SER A 148 10.81 2.51 -30.38
C SER A 148 11.49 1.28 -29.81
N TYR A 149 11.22 1.04 -28.54
CA TYR A 149 11.71 -0.12 -27.81
C TYR A 149 10.96 -0.21 -26.49
N SER A 150 11.11 -1.35 -25.82
CA SER A 150 10.48 -1.59 -24.53
C SER A 150 8.95 -1.53 -24.62
N ILE A 151 8.27 -1.12 -23.55
CA ILE A 151 6.83 -1.44 -23.41
C ILE A 151 6.00 -0.24 -22.96
N ASP A 152 4.70 -0.49 -22.76
CA ASP A 152 3.81 0.40 -22.01
C ASP A 152 3.72 1.83 -22.55
N PRO A 153 3.37 1.98 -23.83
CA PRO A 153 3.17 3.31 -24.37
C PRO A 153 1.99 4.05 -23.73
N ALA A 154 2.13 5.35 -23.57
CA ALA A 154 1.03 6.25 -23.26
C ALA A 154 1.18 7.41 -24.22
N VAL A 155 0.20 7.60 -25.11
CA VAL A 155 0.27 8.69 -26.07
C VAL A 155 -0.62 9.82 -25.57
N PHE A 156 0.01 10.94 -25.25
CA PHE A 156 -0.62 12.05 -24.55
C PHE A 156 -0.79 13.22 -25.51
N LYS A 157 -2.02 13.73 -25.62
CA LYS A 157 -2.30 14.94 -26.41
C LYS A 157 -2.28 16.15 -25.49
N ASP A 158 -1.30 17.02 -25.67
CA ASP A 158 -1.21 18.24 -24.87
C ASP A 158 -2.24 19.26 -25.38
N ASP A 159 -2.49 20.30 -24.60
CA ASP A 159 -3.47 21.36 -24.93
C ASP A 159 -3.13 22.11 -26.21
N ASP A 160 -1.84 22.22 -26.50
CA ASP A 160 -1.36 22.87 -27.73
C ASP A 160 -1.49 22.02 -29.00
N GLY A 161 -2.07 20.81 -28.89
CA GLY A 161 -2.24 19.92 -30.04
C GLY A 161 -1.08 18.99 -30.34
N LYS A 162 0.02 19.08 -29.59
CA LYS A 162 1.16 18.20 -29.78
C LYS A 162 0.91 16.88 -29.05
N TYR A 163 1.33 15.78 -29.67
CA TYR A 163 1.17 14.45 -29.10
C TYR A 163 2.55 13.89 -28.73
N TYR A 164 2.65 13.26 -27.56
CA TYR A 164 3.90 12.69 -27.05
C TYR A 164 3.68 11.26 -26.66
N MET A 165 4.63 10.38 -27.00
CA MET A 165 4.61 9.01 -26.47
C MET A 165 5.56 8.92 -25.28
N TYR A 166 5.00 8.53 -24.13
CA TYR A 166 5.76 8.09 -22.97
C TYR A 166 5.83 6.59 -23.02
N PHE A 167 6.98 6.01 -22.72
CA PHE A 167 7.13 4.55 -22.75
C PHE A 167 8.29 4.02 -21.92
N GLY A 168 8.29 2.71 -21.74
CA GLY A 168 9.35 2.02 -21.01
C GLY A 168 8.85 1.08 -19.94
N GLY A 169 9.61 0.03 -19.72
CA GLY A 169 9.42 -0.86 -18.58
C GLY A 169 10.71 -1.63 -18.35
N ILE A 170 11.13 -1.71 -17.09
CA ILE A 170 12.38 -2.41 -16.74
C ILE A 170 12.08 -3.90 -16.51
N TRP A 171 13.09 -4.66 -16.06
CA TRP A 171 12.96 -6.11 -15.92
C TRP A 171 12.50 -6.73 -17.26
N GLY A 172 11.35 -7.42 -17.30
CA GLY A 172 10.87 -8.03 -18.54
C GLY A 172 10.54 -7.08 -19.67
N GLY A 173 10.32 -5.81 -19.36
CA GLY A 173 10.11 -4.80 -20.38
C GLY A 173 11.35 -4.36 -21.14
N GLN A 174 12.53 -4.82 -20.68
CA GLN A 174 13.81 -4.67 -21.39
C GLN A 174 14.39 -3.27 -21.49
N LEU A 175 13.80 -2.27 -20.82
CA LEU A 175 14.29 -0.88 -20.95
C LEU A 175 15.76 -0.75 -20.60
N GLN A 176 16.17 -1.49 -19.58
CA GLN A 176 17.57 -1.54 -19.11
C GLN A 176 18.58 -2.05 -20.16
N ARG A 177 18.09 -2.66 -21.23
CA ARG A 177 18.95 -3.15 -22.32
C ARG A 177 19.09 -2.17 -23.50
N TRP A 178 18.60 -0.94 -23.34
CA TRP A 178 18.56 0.04 -24.44
C TRP A 178 19.37 1.32 -24.21
N THR A 179 20.31 1.30 -23.27
CA THR A 179 21.08 2.49 -22.91
C THR A 179 21.81 3.20 -24.08
N THR A 180 22.25 2.42 -25.08
CA THR A 180 23.03 2.95 -26.21
C THR A 180 22.19 3.31 -27.43
N GLY A 181 20.89 3.07 -27.38
CA GLY A 181 20.01 3.20 -28.54
C GLY A 181 19.95 1.95 -29.40
N GLU A 182 20.66 0.90 -28.98
CA GLU A 182 20.56 -0.43 -29.60
C GLU A 182 20.43 -1.49 -28.50
N TYR A 183 19.74 -2.58 -28.82
CA TYR A 183 19.51 -3.65 -27.86
C TYR A 183 20.80 -4.34 -27.43
N ALA A 184 21.01 -4.45 -26.13
CA ALA A 184 22.25 -4.99 -25.56
C ALA A 184 22.35 -6.52 -25.63
N GLY A 185 21.24 -7.19 -25.94
CA GLY A 185 21.22 -8.65 -26.13
C GLY A 185 20.49 -9.37 -25.01
N HIS A 186 20.13 -10.62 -25.25
CA HIS A 186 19.33 -11.40 -24.30
C HIS A 186 20.11 -11.83 -23.04
N ASP A 187 21.44 -11.80 -23.10
CA ASP A 187 22.27 -12.04 -21.91
C ASP A 187 22.60 -10.78 -21.10
N ALA A 188 22.04 -9.62 -21.49
CA ALA A 188 22.22 -8.37 -20.76
C ALA A 188 21.32 -8.32 -19.51
N SER A 189 21.35 -7.20 -18.78
CA SER A 189 20.67 -7.14 -17.46
C SER A 189 19.21 -7.60 -17.51
N LYS A 190 18.84 -8.45 -16.56
CA LYS A 190 17.45 -8.88 -16.38
C LYS A 190 16.61 -7.92 -15.52
N THR A 191 17.23 -6.88 -14.97
CA THR A 191 16.55 -5.98 -14.03
C THR A 191 16.73 -4.51 -14.44
N ASP A 192 17.85 -3.91 -14.04
CA ASP A 192 18.07 -2.48 -14.19
C ASP A 192 19.56 -2.23 -14.45
N LEU A 193 20.07 -1.04 -14.12
CA LEU A 193 21.51 -0.76 -14.29
C LEU A 193 22.42 -1.53 -13.33
N GLU A 194 21.85 -2.10 -12.26
CA GLU A 194 22.63 -2.77 -11.21
C GLU A 194 23.68 -1.82 -10.59
N GLN A 195 23.30 -0.56 -10.43
CA GLN A 195 24.07 0.44 -9.68
C GLN A 195 23.05 1.23 -8.85
N ASP A 196 22.76 0.72 -7.66
CA ASP A 196 21.71 1.29 -6.82
C ASP A 196 21.98 2.71 -6.30
N ASP A 197 23.25 3.14 -6.31
CA ASP A 197 23.59 4.51 -5.92
C ASP A 197 23.68 5.50 -7.09
N ALA A 198 23.45 5.04 -8.31
CA ALA A 198 23.32 5.91 -9.48
C ALA A 198 21.84 6.26 -9.62
N PRO A 199 21.53 7.33 -10.39
CA PRO A 199 20.12 7.63 -10.65
C PRO A 199 19.40 6.42 -11.27
N ALA A 200 18.16 6.19 -10.86
CA ALA A 200 17.36 5.13 -11.44
C ALA A 200 17.12 5.40 -12.93
N ILE A 201 16.81 4.35 -13.67
CA ILE A 201 16.46 4.47 -15.07
C ILE A 201 15.16 5.27 -15.17
N GLY A 202 15.10 6.20 -16.11
CA GLY A 202 13.90 7.02 -16.32
C GLY A 202 13.06 6.53 -17.48
N PRO A 203 11.75 6.85 -17.49
CA PRO A 203 10.94 6.53 -18.66
C PRO A 203 11.34 7.37 -19.87
N ARG A 204 10.81 6.99 -21.03
CA ARG A 204 11.18 7.61 -22.30
C ARG A 204 10.06 8.47 -22.83
N ILE A 205 10.42 9.49 -23.61
CA ILE A 205 9.46 10.36 -24.27
C ILE A 205 9.94 10.71 -25.68
N ALA A 206 9.00 10.75 -26.61
CA ALA A 206 9.22 11.35 -27.93
C ALA A 206 7.95 12.03 -28.44
N LEU A 207 8.13 13.23 -28.98
CA LEU A 207 7.08 13.90 -29.75
C LEU A 207 6.73 13.04 -30.95
N MET A 208 5.43 12.89 -31.21
CA MET A 208 4.94 12.12 -32.35
C MET A 208 4.98 12.96 -33.63
N SER A 209 5.24 12.27 -34.74
CA SER A 209 5.12 12.83 -36.08
C SER A 209 3.70 13.32 -36.35
N ASP A 210 3.55 14.21 -37.32
CA ASP A 210 2.24 14.74 -37.67
C ASP A 210 1.26 13.62 -38.06
N ASP A 211 1.75 12.58 -38.75
CA ASP A 211 0.89 11.46 -39.17
C ASP A 211 0.72 10.35 -38.13
N MET A 212 1.30 10.54 -36.93
CA MET A 212 1.11 9.64 -35.79
C MET A 212 1.72 8.23 -35.92
N LEU A 213 2.56 8.02 -36.93
CA LEU A 213 3.14 6.69 -37.20
C LEU A 213 4.62 6.59 -36.82
N SER A 214 5.22 7.69 -36.40
CA SER A 214 6.65 7.70 -36.08
C SER A 214 6.96 8.78 -35.05
N PHE A 215 8.21 8.78 -34.59
CA PHE A 215 8.70 9.82 -33.68
C PHE A 215 9.27 10.97 -34.48
N ALA A 216 9.01 12.19 -34.00
CA ALA A 216 9.46 13.43 -34.63
C ALA A 216 10.81 13.95 -34.13
N GLU A 217 11.44 13.23 -33.20
CA GLU A 217 12.70 13.65 -32.59
C GLU A 217 13.41 12.42 -32.03
N PRO A 218 14.71 12.54 -31.72
CA PRO A 218 15.36 11.50 -30.94
C PRO A 218 14.69 11.30 -29.58
N VAL A 219 14.59 10.04 -29.17
CA VAL A 219 13.93 9.68 -27.90
C VAL A 219 14.73 10.30 -26.75
N LYS A 220 14.01 10.89 -25.79
CA LYS A 220 14.62 11.47 -24.58
C LYS A 220 14.29 10.61 -23.36
N GLU A 221 15.16 10.68 -22.36
CA GLU A 221 14.90 10.07 -21.06
C GLU A 221 14.41 11.14 -20.10
N ILE A 222 13.46 10.77 -19.26
CA ILE A 222 12.85 11.70 -18.29
C ILE A 222 13.55 11.58 -16.94
N SER A 223 13.91 12.73 -16.36
CA SER A 223 14.52 12.80 -15.03
C SER A 223 13.42 12.89 -13.98
N ILE A 224 13.49 12.01 -12.99
CA ILE A 224 12.60 12.07 -11.84
C ILE A 224 13.47 12.33 -10.60
N VAL A 225 13.07 13.34 -9.82
CA VAL A 225 13.83 13.79 -8.67
C VAL A 225 12.96 13.80 -7.42
N ASP A 226 13.59 13.80 -6.26
CA ASP A 226 12.87 13.93 -4.98
C ASP A 226 12.57 15.40 -4.67
N GLU A 227 11.96 15.69 -3.51
CA GLU A 227 11.57 17.07 -3.15
C GLU A 227 12.77 18.02 -2.99
N GLN A 228 13.96 17.45 -2.73
CA GLN A 228 15.21 18.22 -2.63
C GLN A 228 15.84 18.49 -4.00
N GLY A 229 15.31 17.91 -5.07
CA GLY A 229 15.86 18.06 -6.41
C GLY A 229 16.93 17.03 -6.75
N ASN A 230 17.14 16.03 -5.90
CA ASN A 230 18.11 14.98 -6.16
C ASN A 230 17.48 13.82 -6.94
N PRO A 231 18.24 13.21 -7.86
CA PRO A 231 17.67 12.09 -8.62
C PRO A 231 17.16 10.95 -7.73
N ILE A 232 16.03 10.36 -8.12
CA ILE A 232 15.59 9.12 -7.48
C ILE A 232 16.61 8.05 -7.88
N LEU A 233 17.12 7.34 -6.88
CA LEU A 233 18.18 6.36 -7.08
C LEU A 233 17.65 4.99 -7.42
N GLY A 234 18.50 4.21 -8.08
CA GLY A 234 18.19 2.83 -8.47
C GLY A 234 17.78 1.92 -7.32
N GLY A 235 18.37 2.12 -6.15
CA GLY A 235 18.00 1.33 -4.97
C GLY A 235 16.69 1.72 -4.31
N ASP A 236 16.10 2.84 -4.73
CA ASP A 236 14.89 3.36 -4.11
C ASP A 236 13.68 2.74 -4.83
N HIS A 237 13.44 1.46 -4.56
CA HIS A 237 12.36 0.73 -5.27
C HIS A 237 10.95 1.21 -4.93
N ASP A 238 10.77 1.87 -3.78
CA ASP A 238 9.46 2.45 -3.42
C ASP A 238 9.04 3.59 -4.35
N ARG A 239 10.01 4.30 -4.92
CA ARG A 239 9.73 5.49 -5.71
C ARG A 239 10.16 5.46 -7.17
N ARG A 240 11.13 4.59 -7.51
CA ARG A 240 11.72 4.64 -8.85
C ARG A 240 10.82 4.01 -9.93
N PHE A 241 10.93 4.54 -11.14
CA PHE A 241 10.15 4.08 -12.29
C PHE A 241 10.36 2.60 -12.61
N PHE A 242 9.26 1.86 -12.74
CA PHE A 242 9.34 0.47 -13.19
C PHE A 242 8.65 0.30 -14.55
N GLU A 243 7.37 0.69 -14.65
CA GLU A 243 6.59 0.54 -15.88
C GLU A 243 5.31 1.37 -15.82
N ALA A 244 4.45 1.25 -16.83
CA ALA A 244 3.10 1.86 -16.82
C ALA A 244 3.06 3.39 -16.77
N ALA A 245 3.97 4.06 -17.47
CA ALA A 245 3.96 5.52 -17.49
C ALA A 245 2.62 6.06 -18.00
N TRP A 246 2.15 7.15 -17.41
CA TRP A 246 0.93 7.81 -17.84
C TRP A 246 1.09 9.30 -17.59
N MET A 247 0.51 10.11 -18.48
CA MET A 247 0.58 11.56 -18.37
C MET A 247 -0.82 12.14 -18.36
N HIS A 248 -1.08 13.02 -17.40
CA HIS A 248 -2.27 13.88 -17.47
C HIS A 248 -1.92 15.25 -16.95
N LYS A 249 -2.79 16.22 -17.25
CA LYS A 249 -2.57 17.59 -16.80
C LYS A 249 -3.69 18.03 -15.89
N TYR A 250 -3.34 18.82 -14.89
CA TYR A 250 -4.32 19.41 -13.97
C TYR A 250 -3.81 20.78 -13.56
N ASN A 251 -4.63 21.81 -13.73
CA ASN A 251 -4.25 23.17 -13.32
C ASN A 251 -2.95 23.64 -14.00
N GLY A 252 -2.73 23.24 -15.25
CA GLY A 252 -1.51 23.57 -15.99
C GLY A 252 -0.25 22.79 -15.62
N THR A 253 -0.34 21.89 -14.63
CA THR A 253 0.79 21.09 -14.18
C THR A 253 0.72 19.72 -14.85
N TYR A 254 1.90 19.19 -15.19
CA TYR A 254 2.03 17.89 -15.84
C TYR A 254 2.25 16.83 -14.77
N TYR A 255 1.48 15.76 -14.83
CA TYR A 255 1.51 14.67 -13.86
C TYR A 255 2.01 13.40 -14.52
N LEU A 256 3.23 12.99 -14.20
CA LEU A 256 3.78 11.71 -14.66
C LEU A 256 3.48 10.71 -13.58
N SER A 257 2.60 9.75 -13.88
CA SER A 257 2.35 8.66 -12.95
C SER A 257 2.84 7.34 -13.53
N TYR A 258 3.07 6.37 -12.66
CA TYR A 258 3.71 5.12 -13.06
C TYR A 258 3.67 4.08 -11.97
N SER A 259 3.92 2.83 -12.38
CA SER A 259 4.06 1.70 -11.46
C SER A 259 5.50 1.56 -11.01
N THR A 260 5.68 1.20 -9.73
CA THR A 260 6.98 0.91 -9.14
C THR A 260 7.32 -0.59 -9.17
N GLY A 261 6.41 -1.41 -9.69
CA GLY A 261 6.72 -2.83 -9.97
C GLY A 261 6.84 -3.70 -8.74
N ASP A 262 8.06 -3.97 -8.31
CA ASP A 262 8.29 -4.90 -7.19
C ASP A 262 7.84 -4.39 -5.81
N THR A 263 7.56 -3.09 -5.71
CA THR A 263 6.96 -2.49 -4.52
C THR A 263 5.47 -2.18 -4.69
N HIS A 264 4.95 -2.37 -5.90
CA HIS A 264 3.50 -2.53 -6.16
C HIS A 264 2.66 -1.27 -6.01
N TYR A 265 3.28 -0.09 -6.15
CA TYR A 265 2.58 1.19 -6.05
C TYR A 265 2.33 1.80 -7.42
N ILE A 266 1.25 2.57 -7.55
CA ILE A 266 1.18 3.63 -8.55
C ILE A 266 1.55 4.90 -7.81
N VAL A 267 2.53 5.62 -8.35
CA VAL A 267 2.99 6.87 -7.74
C VAL A 267 2.93 7.97 -8.78
N TYR A 268 3.11 9.21 -8.36
CA TYR A 268 3.14 10.33 -9.29
C TYR A 268 4.17 11.39 -8.95
N ALA A 269 4.53 12.13 -9.99
CA ALA A 269 5.54 13.16 -9.93
C ALA A 269 5.08 14.30 -10.84
N THR A 270 5.37 15.54 -10.46
CA THR A 270 4.82 16.70 -11.17
C THR A 270 5.92 17.56 -11.78
N GLY A 271 5.59 18.19 -12.90
CA GLY A 271 6.52 19.05 -13.64
C GLY A 271 5.80 20.10 -14.44
N ASP A 272 6.56 20.98 -15.08
CA ASP A 272 5.98 22.13 -15.79
C ASP A 272 5.96 22.02 -17.31
N ASN A 273 6.39 20.88 -17.84
CA ASN A 273 6.41 20.63 -19.29
C ASN A 273 6.44 19.11 -19.56
N PRO A 274 6.15 18.66 -20.79
CA PRO A 274 6.09 17.21 -21.08
C PRO A 274 7.36 16.41 -20.77
N TYR A 275 8.52 17.04 -20.92
CA TYR A 275 9.82 16.36 -20.79
C TYR A 275 10.34 16.31 -19.36
N GLY A 276 9.71 17.02 -18.43
CA GLY A 276 10.17 17.09 -17.05
C GLY A 276 11.33 18.07 -16.90
N PRO A 277 12.11 17.98 -15.82
CA PRO A 277 12.04 16.91 -14.80
C PRO A 277 10.75 16.91 -13.97
N PHE A 278 10.46 15.76 -13.37
CA PHE A 278 9.27 15.61 -12.53
C PHE A 278 9.72 15.34 -11.11
N THR A 279 9.06 16.01 -10.16
CA THR A 279 9.36 15.89 -8.74
C THR A 279 8.40 14.90 -8.14
N TYR A 280 8.92 13.82 -7.55
CA TYR A 280 8.12 12.81 -6.89
C TYR A 280 7.25 13.46 -5.82
N ARG A 281 5.95 13.17 -5.85
CA ARG A 281 5.01 13.75 -4.87
C ARG A 281 4.45 12.72 -3.90
N GLY A 282 4.01 11.58 -4.41
CA GLY A 282 3.44 10.55 -3.53
C GLY A 282 2.75 9.42 -4.25
N VAL A 283 1.97 8.66 -3.48
CA VAL A 283 1.30 7.46 -3.96
C VAL A 283 -0.09 7.78 -4.50
N ILE A 284 -0.40 7.26 -5.69
CA ILE A 284 -1.75 7.32 -6.28
C ILE A 284 -2.57 6.13 -5.79
N LEU A 285 -2.00 4.93 -5.94
CA LEU A 285 -2.71 3.70 -5.63
C LEU A 285 -1.79 2.73 -4.90
N ASN A 286 -2.23 2.33 -3.70
CA ASN A 286 -1.53 1.31 -2.94
C ASN A 286 -1.64 -0.09 -3.58
N PRO A 287 -0.87 -1.07 -3.07
CA PRO A 287 -0.84 -2.37 -3.74
C PRO A 287 -2.20 -3.09 -3.80
N VAL A 288 -2.42 -3.79 -4.91
CA VAL A 288 -3.67 -4.49 -5.17
C VAL A 288 -3.42 -5.99 -5.00
N ILE A 289 -4.48 -6.78 -5.18
CA ILE A 289 -4.38 -8.23 -5.23
C ILE A 289 -3.66 -8.57 -6.53
N GLY A 290 -2.62 -9.40 -6.46
CA GLY A 290 -1.82 -9.73 -7.63
C GLY A 290 -0.61 -8.81 -7.73
N TRP A 291 0.47 -9.33 -8.31
CA TRP A 291 1.78 -8.64 -8.31
C TRP A 291 1.73 -7.30 -9.04
N THR A 292 1.09 -7.25 -10.21
CA THR A 292 1.16 -6.05 -11.06
C THR A 292 0.17 -4.99 -10.63
N ASN A 293 0.50 -3.75 -10.97
CA ASN A 293 -0.36 -2.60 -10.69
C ASN A 293 -0.20 -1.69 -11.90
N HIS A 294 -1.30 -1.36 -12.58
CA HIS A 294 -1.25 -0.63 -13.84
C HIS A 294 -2.55 0.14 -14.04
N HIS A 295 -2.45 1.36 -14.52
CA HIS A 295 -3.53 2.32 -14.34
C HIS A 295 -3.62 3.33 -15.49
N SER A 296 -4.67 4.13 -15.47
CA SER A 296 -4.71 5.38 -16.18
C SER A 296 -5.60 6.34 -15.41
N ILE A 297 -5.48 7.61 -15.74
CA ILE A 297 -6.19 8.70 -15.06
C ILE A 297 -6.84 9.57 -16.14
N VAL A 298 -8.16 9.76 -16.04
CA VAL A 298 -8.93 10.45 -17.08
C VAL A 298 -10.04 11.30 -16.48
N GLU A 299 -10.30 12.45 -17.10
CA GLU A 299 -11.41 13.32 -16.71
C GLU A 299 -12.61 13.07 -17.63
N PHE A 300 -13.78 12.89 -17.01
CA PHE A 300 -15.02 12.59 -17.75
C PHE A 300 -16.17 13.26 -17.02
N ASN A 301 -16.91 14.11 -17.74
CA ASN A 301 -18.00 14.89 -17.12
C ASN A 301 -17.57 15.68 -15.89
N GLY A 302 -16.35 16.23 -15.91
CA GLY A 302 -15.85 17.06 -14.81
C GLY A 302 -15.41 16.32 -13.56
N LYS A 303 -15.33 14.99 -13.60
CA LYS A 303 -14.80 14.19 -12.50
C LYS A 303 -13.57 13.47 -13.01
N TRP A 304 -12.61 13.22 -12.12
CA TRP A 304 -11.43 12.47 -12.47
C TRP A 304 -11.57 11.04 -11.97
N TYR A 305 -11.09 10.10 -12.78
CA TYR A 305 -11.19 8.68 -12.50
C TYR A 305 -9.85 8.00 -12.62
N LEU A 306 -9.62 7.06 -11.73
CA LEU A 306 -8.48 6.15 -11.80
C LEU A 306 -8.99 4.81 -12.28
N PHE A 307 -8.57 4.42 -13.47
CA PHE A 307 -8.77 3.05 -13.97
C PHE A 307 -7.56 2.24 -13.54
N TYR A 308 -7.80 1.02 -13.04
CA TYR A 308 -6.72 0.15 -12.58
C TYR A 308 -7.14 -1.30 -12.72
N HIS A 309 -6.30 -2.22 -12.28
CA HIS A 309 -6.68 -3.64 -12.25
C HIS A 309 -6.26 -4.35 -10.98
N ASP A 310 -6.80 -5.56 -10.81
CA ASP A 310 -6.28 -6.48 -9.81
C ASP A 310 -6.55 -7.92 -10.24
N SER A 311 -6.12 -8.87 -9.42
CA SER A 311 -6.32 -10.29 -9.68
C SER A 311 -7.46 -10.88 -8.83
N SER A 312 -8.44 -10.05 -8.47
CA SER A 312 -9.52 -10.47 -7.57
C SER A 312 -10.43 -11.51 -8.22
N LEU A 313 -10.83 -11.27 -9.48
CA LEU A 313 -11.79 -12.14 -10.16
C LEU A 313 -11.26 -13.57 -10.35
N SER A 314 -9.97 -13.71 -10.66
CA SER A 314 -9.34 -15.02 -10.85
C SER A 314 -8.92 -15.71 -9.54
N GLY A 315 -9.21 -15.10 -8.39
CA GLY A 315 -8.76 -15.63 -7.11
C GLY A 315 -7.27 -15.47 -6.86
N GLY A 316 -6.66 -14.43 -7.43
CA GLY A 316 -5.27 -14.09 -7.14
C GLY A 316 -4.23 -14.51 -8.15
N LYS A 317 -4.64 -14.97 -9.33
CA LYS A 317 -3.69 -15.40 -10.36
C LYS A 317 -3.10 -14.15 -11.01
N THR A 318 -1.77 -14.06 -10.99
CA THR A 318 -1.03 -12.87 -11.45
C THR A 318 -1.41 -12.41 -12.85
N HIS A 319 -1.57 -13.39 -13.73
CA HIS A 319 -1.79 -13.18 -15.17
C HIS A 319 -3.26 -13.18 -15.61
N LEU A 320 -4.20 -13.26 -14.66
CA LEU A 320 -5.64 -13.21 -14.97
C LEU A 320 -6.25 -12.10 -14.14
N ARG A 321 -6.29 -10.91 -14.73
CA ARG A 321 -6.65 -9.71 -14.01
C ARG A 321 -8.02 -9.21 -14.46
N CYS A 322 -8.56 -8.24 -13.74
CA CYS A 322 -9.78 -7.56 -14.11
C CYS A 322 -9.66 -6.07 -13.83
N ILE A 323 -10.17 -5.25 -14.76
CA ILE A 323 -10.10 -3.81 -14.59
C ILE A 323 -11.23 -3.29 -13.71
N LYS A 324 -10.91 -2.21 -13.00
CA LYS A 324 -11.81 -1.54 -12.07
C LYS A 324 -11.63 -0.03 -12.24
N VAL A 325 -12.53 0.72 -11.64
CA VAL A 325 -12.46 2.18 -11.69
C VAL A 325 -12.87 2.76 -10.35
N THR A 326 -12.28 3.89 -9.98
CA THR A 326 -12.72 4.66 -8.82
C THR A 326 -12.46 6.15 -9.05
N GLU A 327 -13.17 7.01 -8.32
CA GLU A 327 -12.97 8.45 -8.44
C GLU A 327 -11.65 8.87 -7.81
N LEU A 328 -10.94 9.76 -8.49
CA LEU A 328 -9.66 10.30 -8.03
C LEU A 328 -9.85 11.76 -7.66
N THR A 329 -9.28 12.17 -6.52
CA THR A 329 -9.44 13.54 -6.01
C THR A 329 -8.11 14.31 -6.02
N HIS A 330 -8.04 15.34 -6.86
CA HIS A 330 -6.99 16.35 -6.77
C HIS A 330 -7.38 17.37 -5.72
N ASN A 331 -6.41 17.80 -4.92
CA ASN A 331 -6.55 19.02 -4.12
C ASN A 331 -6.17 20.22 -4.97
N ALA A 332 -6.60 21.41 -4.54
CA ALA A 332 -6.34 22.63 -5.31
C ALA A 332 -4.85 22.95 -5.43
N ASP A 333 -4.07 22.53 -4.43
CA ASP A 333 -2.61 22.70 -4.47
C ASP A 333 -1.88 21.70 -5.37
N GLY A 334 -2.63 20.89 -6.12
CA GLY A 334 -2.05 19.94 -7.06
C GLY A 334 -1.79 18.54 -6.53
N THR A 335 -1.80 18.36 -5.20
CA THR A 335 -1.59 17.03 -4.62
C THR A 335 -2.82 16.17 -4.88
N ILE A 336 -2.62 14.86 -4.88
CA ILE A 336 -3.70 13.90 -5.13
C ILE A 336 -3.86 13.04 -3.89
N GLU A 337 -5.10 12.75 -3.53
CA GLU A 337 -5.40 11.86 -2.41
C GLU A 337 -5.07 10.43 -2.77
N THR A 338 -4.29 9.76 -1.91
CA THR A 338 -3.91 8.38 -2.16
C THR A 338 -5.13 7.47 -2.05
N ILE A 339 -5.28 6.57 -3.02
CA ILE A 339 -6.36 5.57 -3.02
C ILE A 339 -5.79 4.26 -2.47
N SER A 340 -6.48 3.68 -1.50
CA SER A 340 -6.20 2.32 -1.04
C SER A 340 -7.36 1.47 -1.54
N PRO A 341 -7.07 0.38 -2.27
CA PRO A 341 -8.09 -0.33 -3.06
C PRO A 341 -9.19 -1.05 -2.29
N TYR A 342 -8.95 -1.48 -1.04
CA TYR A 342 -9.93 -2.36 -0.36
C TYR A 342 -10.36 -1.82 1.00
N ILE A 343 -10.63 -0.52 1.07
CA ILE A 343 -10.96 0.09 2.37
C ILE A 343 -12.45 0.43 2.52
N GLU A 344 -13.05 1.10 1.54
CA GLU A 344 -14.47 1.42 1.62
C GLU A 344 -15.32 0.20 1.27
N HIS B 20 -1.02 -20.29 4.44
CA HIS B 20 -0.63 -19.12 3.59
C HIS B 20 -1.62 -17.97 3.75
N MET B 21 -1.49 -17.25 4.87
CA MET B 21 -2.26 -16.03 5.15
C MET B 21 -3.80 -16.17 5.04
N GLU B 22 -4.31 -17.30 5.53
CA GLU B 22 -5.73 -17.48 5.84
C GLU B 22 -5.95 -16.89 7.24
N PRO B 23 -7.21 -16.58 7.63
CA PRO B 23 -7.42 -16.13 9.00
C PRO B 23 -7.01 -17.19 10.00
N LEU B 24 -6.30 -16.78 11.06
CA LEU B 24 -5.90 -17.73 12.11
C LEU B 24 -7.09 -18.26 12.90
N VAL B 25 -8.11 -17.41 13.03
CA VAL B 25 -9.28 -17.66 13.86
C VAL B 25 -10.50 -17.37 12.98
N THR B 26 -11.47 -18.30 12.96
CA THR B 26 -12.68 -18.14 12.14
C THR B 26 -14.01 -18.16 12.92
N HIS B 27 -13.96 -18.38 14.23
CA HIS B 27 -15.18 -18.54 15.05
C HIS B 27 -15.56 -17.27 15.82
N ILE B 28 -14.62 -16.32 15.93
CA ILE B 28 -14.88 -14.98 16.46
C ILE B 28 -14.04 -14.00 15.65
N TYR B 29 -14.41 -12.73 15.72
CA TYR B 29 -13.64 -11.68 15.08
C TYR B 29 -12.54 -11.22 16.04
N THR B 30 -11.35 -11.00 15.50
CA THR B 30 -10.16 -10.68 16.31
C THR B 30 -9.33 -9.60 15.64
N ALA B 31 -8.62 -8.81 16.44
CA ALA B 31 -7.82 -7.69 15.91
C ALA B 31 -6.64 -7.35 16.78
N ASP B 32 -5.77 -6.50 16.26
CA ASP B 32 -4.72 -5.85 17.03
C ASP B 32 -3.85 -6.87 17.78
N PRO B 33 -3.32 -7.88 17.07
CA PRO B 33 -2.69 -9.00 17.75
C PRO B 33 -1.32 -8.67 18.34
N SER B 34 -1.17 -8.89 19.65
CA SER B 34 0.15 -8.85 20.33
C SER B 34 0.61 -10.25 20.64
N ALA B 35 1.62 -10.73 19.92
CA ALA B 35 2.13 -12.09 20.07
C ALA B 35 3.37 -12.12 20.96
N HIS B 36 3.42 -13.09 21.85
CA HIS B 36 4.55 -13.30 22.74
C HIS B 36 4.88 -14.78 22.81
N VAL B 37 6.12 -15.08 23.16
CA VAL B 37 6.52 -16.45 23.46
C VAL B 37 6.61 -16.61 24.98
N PHE B 38 5.66 -17.34 25.55
CA PHE B 38 5.66 -17.70 26.97
C PHE B 38 5.55 -19.23 27.08
N ASP B 39 6.36 -19.83 27.94
CA ASP B 39 6.34 -21.30 28.16
C ASP B 39 6.56 -22.11 26.87
N GLY B 40 7.42 -21.60 25.98
CA GLY B 40 7.70 -22.24 24.70
C GLY B 40 6.55 -22.29 23.69
N LYS B 41 5.46 -21.55 23.95
CA LYS B 41 4.33 -21.46 23.04
C LYS B 41 4.18 -20.01 22.60
N VAL B 42 3.48 -19.78 21.50
CA VAL B 42 3.10 -18.42 21.11
C VAL B 42 1.74 -18.11 21.73
N TYR B 43 1.69 -17.09 22.58
CA TYR B 43 0.42 -16.58 23.09
C TYR B 43 0.10 -15.28 22.38
N ILE B 44 -1.16 -15.12 21.99
CA ILE B 44 -1.59 -13.93 21.25
C ILE B 44 -2.67 -13.24 22.07
N TYR B 45 -2.52 -11.92 22.20
CA TYR B 45 -3.44 -11.07 22.96
C TYR B 45 -4.04 -10.08 21.97
N PRO B 46 -5.19 -10.42 21.37
CA PRO B 46 -5.87 -9.53 20.44
C PRO B 46 -7.08 -8.86 21.07
N SER B 47 -7.58 -7.83 20.39
CA SER B 47 -8.93 -7.33 20.64
C SER B 47 -9.93 -8.36 20.17
N HIS B 48 -11.10 -8.38 20.81
CA HIS B 48 -12.21 -9.26 20.41
C HIS B 48 -13.32 -8.38 19.83
N ASP B 49 -13.37 -8.32 18.51
CA ASP B 49 -14.32 -7.51 17.80
C ASP B 49 -15.71 -8.09 17.90
N ILE B 50 -16.70 -7.21 18.03
CA ILE B 50 -18.10 -7.59 18.08
C ILE B 50 -18.90 -6.63 17.23
N ASP B 51 -20.04 -7.10 16.73
CA ASP B 51 -20.88 -6.32 15.84
C ASP B 51 -21.83 -5.49 16.70
N ALA B 52 -21.28 -4.42 17.27
CA ALA B 52 -22.02 -3.56 18.20
C ALA B 52 -23.04 -2.67 17.48
N GLY B 53 -22.81 -2.38 16.20
CA GLY B 53 -23.68 -1.51 15.43
C GLY B 53 -23.60 -0.04 15.80
N THR B 54 -22.54 0.36 16.52
CA THR B 54 -22.30 1.76 16.84
C THR B 54 -21.79 2.46 15.57
N PRO B 55 -22.01 3.79 15.45
CA PRO B 55 -21.75 4.44 14.15
C PRO B 55 -20.27 4.53 13.81
N GLU B 56 -19.95 4.33 12.53
CA GLU B 56 -18.57 4.42 12.05
C GLU B 56 -18.16 5.86 11.79
N ASN B 57 -17.14 6.33 12.51
CA ASN B 57 -16.61 7.69 12.35
C ASN B 57 -15.14 7.74 12.75
N ASP B 58 -14.51 8.90 12.55
CA ASP B 58 -13.08 9.06 12.84
C ASP B 58 -12.71 9.18 14.33
N MET B 59 -13.70 9.09 15.24
CA MET B 59 -13.44 8.96 16.68
C MET B 59 -13.36 7.49 17.13
N GLY B 60 -13.61 6.55 16.22
CA GLY B 60 -13.54 5.12 16.55
C GLY B 60 -14.75 4.57 17.28
N ASP B 61 -15.89 5.25 17.19
CA ASP B 61 -17.11 4.83 17.92
C ASP B 61 -17.60 3.43 17.55
N HIS B 62 -17.37 3.05 16.30
CA HIS B 62 -17.62 1.69 15.79
C HIS B 62 -16.86 0.55 16.48
N PHE B 63 -15.78 0.86 17.21
CA PHE B 63 -15.04 -0.12 18.00
C PHE B 63 -15.52 -0.11 19.45
N ASP B 64 -16.48 -0.97 19.78
CA ASP B 64 -17.10 -0.99 21.11
C ASP B 64 -16.92 -2.35 21.80
N MET B 65 -15.68 -2.84 21.76
CA MET B 65 -15.37 -4.17 22.29
C MET B 65 -15.46 -4.19 23.82
N ARG B 66 -15.77 -5.37 24.36
CA ARG B 66 -16.12 -5.53 25.78
C ARG B 66 -15.32 -6.59 26.54
N ASP B 67 -14.49 -7.39 25.87
CA ASP B 67 -13.68 -8.39 26.55
C ASP B 67 -12.46 -8.78 25.73
N TYR B 68 -11.60 -9.58 26.33
CA TYR B 68 -10.43 -10.17 25.67
C TYR B 68 -10.45 -11.67 25.85
N HIS B 69 -10.16 -12.38 24.77
CA HIS B 69 -9.79 -13.80 24.78
C HIS B 69 -8.30 -13.91 24.54
N VAL B 70 -7.63 -14.83 25.22
CA VAL B 70 -6.23 -15.14 24.92
C VAL B 70 -6.19 -16.34 23.98
N LEU B 71 -5.34 -16.27 22.95
CA LEU B 71 -5.12 -17.37 22.01
C LEU B 71 -3.71 -17.93 22.17
N SER B 72 -3.52 -19.19 21.76
CA SER B 72 -2.18 -19.76 21.73
C SER B 72 -1.95 -20.73 20.58
N MET B 73 -0.69 -20.85 20.19
CA MET B 73 -0.23 -21.76 19.13
C MET B 73 1.04 -22.44 19.61
N ASN B 74 1.15 -23.74 19.36
CA ASN B 74 2.37 -24.48 19.67
C ASN B 74 3.41 -24.42 18.54
N SER B 75 2.94 -24.19 17.32
CA SER B 75 3.81 -24.00 16.17
C SER B 75 3.14 -23.03 15.21
N ILE B 76 3.94 -22.45 14.31
CA ILE B 76 3.44 -21.62 13.21
C ILE B 76 3.94 -22.24 11.88
N PRO B 77 3.05 -22.74 11.02
CA PRO B 77 1.61 -22.81 11.26
C PRO B 77 1.24 -23.82 12.32
N GLY B 78 0.02 -23.70 12.84
CA GLY B 78 -0.49 -24.63 13.83
C GLY B 78 -1.89 -24.30 14.28
N GLU B 79 -2.51 -25.27 14.94
CA GLU B 79 -3.82 -25.13 15.54
C GLU B 79 -3.82 -24.00 16.56
N VAL B 80 -4.85 -23.15 16.51
CA VAL B 80 -4.98 -22.04 17.45
C VAL B 80 -6.01 -22.41 18.53
N THR B 81 -5.61 -22.31 19.78
CA THR B 81 -6.49 -22.58 20.91
C THR B 81 -7.01 -21.25 21.45
N ASP B 82 -8.33 -21.14 21.56
CA ASP B 82 -8.99 -20.02 22.19
C ASP B 82 -9.24 -20.41 23.63
N HIS B 83 -8.59 -19.71 24.56
CA HIS B 83 -8.71 -20.01 26.00
C HIS B 83 -9.92 -19.41 26.71
N GLY B 84 -10.85 -18.80 25.97
CA GLY B 84 -12.06 -18.23 26.55
C GLY B 84 -11.89 -16.79 26.97
N VAL B 85 -12.86 -16.27 27.71
CA VAL B 85 -12.83 -14.86 28.13
C VAL B 85 -11.83 -14.70 29.27
N ALA B 86 -10.79 -13.91 29.03
CA ALA B 86 -9.72 -13.68 30.02
C ALA B 86 -9.99 -12.47 30.90
N LEU B 87 -10.74 -11.51 30.37
CA LEU B 87 -11.10 -10.30 31.10
C LEU B 87 -12.32 -9.68 30.44
N ASP B 88 -13.30 -9.31 31.24
CA ASP B 88 -14.55 -8.69 30.78
C ASP B 88 -14.61 -7.29 31.36
N ILE B 89 -15.04 -6.33 30.56
CA ILE B 89 -15.15 -4.94 31.02
C ILE B 89 -16.04 -4.78 32.28
N LYS B 90 -17.00 -5.67 32.44
CA LYS B 90 -17.89 -5.66 33.62
C LYS B 90 -17.14 -5.84 34.94
N ASP B 91 -15.95 -6.45 34.88
CA ASP B 91 -15.12 -6.69 36.06
C ASP B 91 -14.03 -5.65 36.29
N ILE B 92 -13.92 -4.65 35.41
CA ILE B 92 -12.89 -3.61 35.49
C ILE B 92 -13.51 -2.37 36.16
N PRO B 93 -13.24 -2.13 37.47
CA PRO B 93 -13.97 -1.09 38.22
C PRO B 93 -13.93 0.31 37.62
N TRP B 94 -12.78 0.70 37.08
CA TRP B 94 -12.58 2.05 36.55
C TRP B 94 -13.09 2.24 35.11
N ALA B 95 -13.29 1.14 34.37
CA ALA B 95 -13.58 1.23 32.94
C ALA B 95 -15.02 1.57 32.65
N GLY B 96 -15.23 2.52 31.73
CA GLY B 96 -16.56 2.87 31.24
C GLY B 96 -16.91 2.10 29.98
N ARG B 97 -16.04 2.17 28.98
CA ARG B 97 -16.29 1.51 27.69
C ARG B 97 -15.02 1.35 26.85
N GLN B 98 -15.14 0.52 25.82
CA GLN B 98 -14.18 0.42 24.71
C GLN B 98 -12.83 -0.18 25.10
N LEU B 99 -12.81 -1.51 25.16
CA LEU B 99 -11.60 -2.28 25.40
C LEU B 99 -10.84 -2.46 24.08
N TRP B 100 -9.81 -1.63 23.88
CA TRP B 100 -9.08 -1.58 22.62
C TRP B 100 -7.78 -2.42 22.70
N ALA B 101 -6.84 -2.18 21.78
CA ALA B 101 -5.71 -3.09 21.54
C ALA B 101 -4.84 -3.37 22.77
N PRO B 102 -4.79 -4.64 23.24
CA PRO B 102 -4.06 -4.96 24.46
C PRO B 102 -2.65 -5.50 24.21
N ASP B 103 -1.93 -5.75 25.31
CA ASP B 103 -0.68 -6.48 25.27
C ASP B 103 -0.49 -7.21 26.60
N ALA B 104 0.55 -8.05 26.70
CA ALA B 104 0.84 -8.79 27.91
C ALA B 104 2.34 -8.82 28.18
N ALA B 105 2.68 -9.04 29.44
CA ALA B 105 4.06 -9.30 29.82
C ALA B 105 4.10 -10.34 30.93
N SER B 106 5.27 -10.93 31.09
CA SER B 106 5.53 -11.94 32.11
C SER B 106 6.72 -11.53 32.96
N LYS B 107 6.60 -11.65 34.28
CA LYS B 107 7.72 -11.39 35.20
C LYS B 107 7.49 -12.18 36.48
N ASP B 108 8.51 -12.93 36.90
CA ASP B 108 8.53 -13.61 38.20
C ASP B 108 7.29 -14.51 38.44
N GLY B 109 6.93 -15.30 37.43
CA GLY B 109 5.79 -16.22 37.54
C GLY B 109 4.39 -15.61 37.55
N LYS B 110 4.29 -14.34 37.16
CA LYS B 110 3.00 -13.68 37.01
C LYS B 110 2.90 -13.13 35.59
N TYR B 111 1.66 -13.00 35.13
CA TYR B 111 1.36 -12.52 33.79
C TYR B 111 0.49 -11.29 33.94
N TYR B 112 0.79 -10.27 33.15
CA TYR B 112 0.17 -8.96 33.26
C TYR B 112 -0.45 -8.63 31.93
N LEU B 113 -1.75 -8.35 31.92
CA LEU B 113 -2.47 -7.95 30.72
C LEU B 113 -2.66 -6.45 30.80
N TYR B 114 -2.12 -5.73 29.82
CA TYR B 114 -2.23 -4.28 29.74
C TYR B 114 -3.27 -3.93 28.69
N PHE B 115 -4.18 -3.02 29.01
CA PHE B 115 -5.30 -2.75 28.11
C PHE B 115 -5.72 -1.28 28.17
N PRO B 116 -6.03 -0.69 27.01
CA PRO B 116 -6.58 0.65 26.95
C PRO B 116 -8.10 0.60 27.07
N ALA B 117 -8.67 1.54 27.83
CA ALA B 117 -10.11 1.68 27.92
C ALA B 117 -10.45 3.09 28.37
N LYS B 118 -11.63 3.56 27.99
CA LYS B 118 -12.11 4.85 28.46
C LYS B 118 -12.60 4.70 29.90
N ASP B 119 -12.18 5.63 30.75
CA ASP B 119 -12.67 5.69 32.12
C ASP B 119 -14.10 6.25 32.11
N LYS B 120 -14.67 6.45 33.31
CA LYS B 120 -16.03 6.94 33.42
C LYS B 120 -16.22 8.42 33.01
N GLU B 121 -15.13 9.15 32.79
CA GLU B 121 -15.14 10.46 32.13
C GLU B 121 -14.86 10.41 30.61
N ASP B 122 -14.95 9.23 29.99
CA ASP B 122 -14.66 9.05 28.55
C ASP B 122 -13.23 9.42 28.12
N ILE B 123 -12.27 9.27 29.02
CA ILE B 123 -10.86 9.56 28.76
C ILE B 123 -10.11 8.24 28.75
N PHE B 124 -9.43 7.94 27.64
CA PHE B 124 -8.64 6.72 27.52
C PHE B 124 -7.51 6.69 28.56
N ARG B 125 -7.41 5.58 29.28
CA ARG B 125 -6.30 5.29 30.17
C ARG B 125 -5.85 3.87 29.89
N ILE B 126 -4.73 3.47 30.48
CA ILE B 126 -4.22 2.10 30.35
C ILE B 126 -4.21 1.46 31.74
N GLY B 127 -4.79 0.27 31.83
CA GLY B 127 -4.87 -0.47 33.09
C GLY B 127 -4.13 -1.79 32.98
N VAL B 128 -3.98 -2.46 34.13
CA VAL B 128 -3.36 -3.76 34.19
C VAL B 128 -4.28 -4.73 34.91
N ALA B 129 -4.19 -5.99 34.51
CA ALA B 129 -4.84 -7.09 35.18
C ALA B 129 -3.84 -8.23 35.29
N VAL B 130 -3.95 -9.03 36.36
CA VAL B 130 -2.90 -9.97 36.73
C VAL B 130 -3.41 -11.41 36.81
N SER B 131 -2.58 -12.34 36.34
CA SER B 131 -2.86 -13.78 36.45
C SER B 131 -1.59 -14.58 36.73
N ASP B 132 -1.78 -15.79 37.25
CA ASP B 132 -0.68 -16.76 37.37
C ASP B 132 -0.43 -17.56 36.08
N SER B 133 -1.31 -17.39 35.09
CA SER B 133 -1.22 -18.12 33.83
C SER B 133 -1.21 -17.14 32.67
N PRO B 134 -0.46 -17.45 31.59
CA PRO B 134 -0.50 -16.61 30.39
C PRO B 134 -1.89 -16.51 29.74
N ALA B 135 -2.72 -17.54 29.93
CA ALA B 135 -4.09 -17.58 29.39
C ALA B 135 -5.15 -16.94 30.29
N GLY B 136 -4.77 -16.48 31.49
CA GLY B 136 -5.72 -15.89 32.42
C GLY B 136 -6.54 -16.93 33.16
N PRO B 137 -7.68 -16.55 33.76
CA PRO B 137 -8.24 -15.19 33.71
C PRO B 137 -7.44 -14.18 34.51
N PHE B 138 -7.53 -12.92 34.11
CA PHE B 138 -6.75 -11.84 34.67
C PHE B 138 -7.63 -11.01 35.61
N LYS B 139 -7.12 -10.73 36.80
CA LYS B 139 -7.82 -9.92 37.79
C LYS B 139 -7.41 -8.46 37.62
N PRO B 140 -8.36 -7.57 37.28
CA PRO B 140 -7.99 -6.18 37.04
C PRO B 140 -7.71 -5.41 38.31
N GLU B 141 -6.72 -4.51 38.24
CA GLU B 141 -6.51 -3.51 39.27
C GLU B 141 -7.69 -2.55 39.26
N SER B 142 -7.98 -1.96 40.42
CA SER B 142 -9.18 -1.13 40.58
C SER B 142 -9.08 0.22 39.87
N GLU B 143 -7.86 0.74 39.71
CA GLU B 143 -7.62 2.01 39.02
C GLU B 143 -6.68 1.78 37.83
N PRO B 144 -6.70 2.70 36.84
CA PRO B 144 -5.73 2.59 35.74
C PRO B 144 -4.32 2.95 36.22
N ILE B 145 -3.32 2.72 35.37
CA ILE B 145 -1.94 3.06 35.71
C ILE B 145 -1.83 4.58 35.85
N LYS B 146 -1.30 5.03 36.98
CA LYS B 146 -1.17 6.46 37.23
C LYS B 146 -0.19 7.08 36.25
N GLY B 147 -0.60 8.14 35.59
CA GLY B 147 0.24 8.81 34.59
C GLY B 147 0.07 8.30 33.17
N SER B 148 -0.74 7.25 32.99
CA SER B 148 -1.01 6.70 31.68
C SER B 148 -2.15 7.47 31.04
N TYR B 149 -2.22 7.38 29.72
CA TYR B 149 -3.28 7.99 28.94
C TYR B 149 -3.21 7.43 27.54
N SER B 150 -4.24 7.74 26.74
CA SER B 150 -4.33 7.28 25.37
C SER B 150 -4.32 5.74 25.29
N ILE B 151 -3.85 5.19 24.18
CA ILE B 151 -4.19 3.81 23.84
C ILE B 151 -2.98 2.96 23.44
N ASP B 152 -3.27 1.70 23.08
CA ASP B 152 -2.35 0.83 22.37
C ASP B 152 -1.03 0.57 23.10
N PRO B 153 -1.11 0.04 24.34
CA PRO B 153 0.14 -0.29 25.04
C PRO B 153 0.93 -1.41 24.35
N ALA B 154 2.25 -1.28 24.37
CA ALA B 154 3.13 -2.39 24.07
C ALA B 154 4.18 -2.44 25.17
N VAL B 155 4.23 -3.55 25.89
CA VAL B 155 5.17 -3.68 27.00
C VAL B 155 6.31 -4.58 26.55
N PHE B 156 7.51 -4.00 26.51
CA PHE B 156 8.68 -4.60 25.90
C PHE B 156 9.67 -4.97 26.98
N LYS B 157 10.11 -6.22 26.99
CA LYS B 157 11.17 -6.69 27.89
C LYS B 157 12.50 -6.71 27.16
N ASP B 158 13.43 -5.88 27.62
CA ASP B 158 14.75 -5.77 27.02
C ASP B 158 15.67 -6.88 27.57
N ASP B 159 16.84 -7.04 26.96
CA ASP B 159 17.85 -8.08 27.32
C ASP B 159 18.42 -7.98 28.73
N ASP B 160 18.38 -6.77 29.29
CA ASP B 160 18.85 -6.49 30.65
C ASP B 160 17.76 -6.64 31.73
N GLY B 161 16.59 -7.19 31.38
CA GLY B 161 15.52 -7.38 32.33
C GLY B 161 14.64 -6.17 32.62
N LYS B 162 14.88 -5.05 31.93
CA LYS B 162 14.05 -3.86 32.10
C LYS B 162 12.84 -3.95 31.19
N TYR B 163 11.70 -3.47 31.69
CA TYR B 163 10.43 -3.51 30.95
C TYR B 163 9.98 -2.08 30.69
N TYR B 164 9.55 -1.79 29.47
CA TYR B 164 9.12 -0.46 29.04
C TYR B 164 7.74 -0.53 28.43
N MET B 165 6.86 0.41 28.75
CA MET B 165 5.59 0.55 28.04
C MET B 165 5.70 1.64 27.00
N TYR B 166 5.48 1.26 25.74
CA TYR B 166 5.24 2.17 24.63
C TYR B 166 3.74 2.35 24.50
N PHE B 167 3.26 3.57 24.26
CA PHE B 167 1.82 3.78 24.11
C PHE B 167 1.47 5.04 23.33
N GLY B 168 0.20 5.14 22.96
CA GLY B 168 -0.32 6.33 22.32
C GLY B 168 -1.11 6.02 21.07
N GLY B 169 -2.09 6.87 20.80
CA GLY B 169 -2.82 6.84 19.53
C GLY B 169 -3.51 8.18 19.34
N ILE B 170 -3.37 8.75 18.14
CA ILE B 170 -3.99 10.05 17.82
C ILE B 170 -5.43 9.84 17.33
N TRP B 171 -6.11 10.93 16.94
CA TRP B 171 -7.52 10.89 16.55
C TRP B 171 -8.37 10.35 17.71
N GLY B 172 -9.07 9.22 17.53
CA GLY B 172 -9.88 8.63 18.58
C GLY B 172 -9.12 8.17 19.82
N GLY B 173 -7.82 7.91 19.67
CA GLY B 173 -6.96 7.55 20.78
C GLY B 173 -6.60 8.68 21.72
N GLN B 174 -6.88 9.93 21.32
CA GLN B 174 -6.81 11.11 22.20
C GLN B 174 -5.40 11.60 22.54
N LEU B 175 -4.33 11.03 21.98
CA LEU B 175 -2.97 11.45 22.34
C LEU B 175 -2.72 12.95 22.09
N GLN B 176 -3.32 13.48 21.02
CA GLN B 176 -3.26 14.91 20.70
C GLN B 176 -3.85 15.86 21.78
N ARG B 177 -4.64 15.31 22.70
CA ARG B 177 -5.22 16.07 23.81
C ARG B 177 -4.38 16.05 25.10
N TRP B 178 -3.19 15.47 25.04
CA TRP B 178 -2.30 15.34 26.20
C TRP B 178 -0.98 16.11 26.06
N THR B 179 -0.93 17.08 25.12
CA THR B 179 0.28 17.85 24.84
C THR B 179 0.86 18.56 26.08
N THR B 180 -0.01 19.07 26.96
CA THR B 180 0.42 19.78 28.17
C THR B 180 0.80 18.86 29.34
N GLY B 181 0.43 17.58 29.27
CA GLY B 181 0.58 16.66 30.39
C GLY B 181 -0.74 16.35 31.08
N GLU B 182 -1.77 17.14 30.79
CA GLU B 182 -3.13 16.93 31.30
C GLU B 182 -4.14 16.95 30.14
N TYR B 183 -5.30 16.31 30.35
CA TYR B 183 -6.32 16.18 29.30
C TYR B 183 -6.93 17.54 28.93
N ALA B 184 -6.89 17.86 27.63
CA ALA B 184 -7.36 19.14 27.12
C ALA B 184 -8.89 19.26 27.04
N GLY B 185 -9.60 18.15 27.19
CA GLY B 185 -11.07 18.12 27.25
C GLY B 185 -11.66 17.55 25.98
N HIS B 186 -12.95 17.21 26.03
CA HIS B 186 -13.63 16.57 24.89
C HIS B 186 -13.86 17.48 23.69
N ASP B 187 -13.75 18.80 23.87
CA ASP B 187 -13.86 19.75 22.75
C ASP B 187 -12.52 20.12 22.12
N ALA B 188 -11.42 19.52 22.58
CA ALA B 188 -10.09 19.74 22.00
C ALA B 188 -9.96 19.02 20.65
N SER B 189 -8.76 19.06 20.04
CA SER B 189 -8.53 18.49 18.71
C SER B 189 -9.02 17.06 18.58
N LYS B 190 -9.67 16.76 17.46
CA LYS B 190 -10.15 15.42 17.15
C LYS B 190 -9.15 14.66 16.27
N THR B 191 -8.04 15.30 15.90
CA THR B 191 -7.05 14.69 15.02
C THR B 191 -5.65 14.74 15.63
N ASP B 192 -4.94 15.86 15.44
CA ASP B 192 -3.53 15.97 15.81
C ASP B 192 -3.23 17.39 16.30
N LEU B 193 -2.00 17.88 16.16
CA LEU B 193 -1.65 19.24 16.60
C LEU B 193 -2.20 20.32 15.67
N GLU B 194 -2.63 19.94 14.47
CA GLU B 194 -3.10 20.88 13.45
C GLU B 194 -2.01 21.91 13.15
N GLN B 195 -0.78 21.41 13.05
CA GLN B 195 0.43 22.20 12.81
C GLN B 195 1.34 21.33 11.95
N ASP B 196 0.98 21.22 10.68
CA ASP B 196 1.65 20.28 9.76
C ASP B 196 3.12 20.58 9.50
N ASP B 197 3.52 21.84 9.69
CA ASP B 197 4.92 22.25 9.48
C ASP B 197 5.79 22.03 10.72
C ASP B 197 5.79 22.01 10.72
N ALA B 198 5.17 21.64 11.84
CA ALA B 198 5.88 21.33 13.09
C ALA B 198 6.09 19.82 13.24
N PRO B 199 7.00 19.40 14.15
CA PRO B 199 7.17 17.96 14.37
C PRO B 199 5.85 17.25 14.68
N ALA B 200 5.70 16.04 14.15
CA ALA B 200 4.56 15.20 14.45
C ALA B 200 4.54 14.77 15.92
N ILE B 201 3.35 14.43 16.41
CA ILE B 201 3.20 13.86 17.75
C ILE B 201 3.95 12.55 17.79
N GLY B 202 4.71 12.35 18.88
CA GLY B 202 5.46 11.12 19.06
C GLY B 202 4.77 10.20 20.05
N PRO B 203 5.01 8.89 19.92
CA PRO B 203 4.47 7.97 20.92
C PRO B 203 5.16 8.16 22.27
N ARG B 204 4.59 7.54 23.30
CA ARG B 204 5.07 7.70 24.67
C ARG B 204 5.78 6.45 25.15
N ILE B 205 6.72 6.64 26.07
CA ILE B 205 7.43 5.54 26.71
C ILE B 205 7.58 5.82 28.21
N ALA B 206 7.50 4.76 29.00
CA ALA B 206 7.87 4.80 30.41
C ALA B 206 8.36 3.44 30.86
N LEU B 207 9.51 3.44 31.53
CA LEU B 207 9.99 2.28 32.28
C LEU B 207 8.94 1.81 33.29
N MET B 208 8.75 0.50 33.39
CA MET B 208 7.80 -0.08 34.34
C MET B 208 8.45 -0.24 35.71
N SER B 209 7.63 -0.10 36.74
CA SER B 209 8.02 -0.40 38.12
C SER B 209 8.29 -1.89 38.31
N ASP B 210 8.98 -2.24 39.40
CA ASP B 210 9.33 -3.63 39.69
C ASP B 210 8.10 -4.54 39.71
N ASP B 211 7.02 -4.04 40.31
CA ASP B 211 5.77 -4.80 40.45
C ASP B 211 4.89 -4.85 39.18
N MET B 212 5.29 -4.15 38.12
CA MET B 212 4.60 -4.17 36.83
C MET B 212 3.21 -3.51 36.80
N LEU B 213 2.87 -2.78 37.86
CA LEU B 213 1.57 -2.14 37.99
C LEU B 213 1.64 -0.63 37.80
N SER B 214 2.84 -0.08 37.73
CA SER B 214 3.04 1.36 37.74
C SER B 214 4.19 1.74 36.81
N PHE B 215 4.24 3.02 36.46
CA PHE B 215 5.41 3.59 35.79
C PHE B 215 6.47 3.94 36.83
N ALA B 216 7.74 3.68 36.50
CA ALA B 216 8.89 3.93 37.37
C ALA B 216 9.49 5.33 37.21
N GLU B 217 9.07 6.06 36.17
CA GLU B 217 9.64 7.35 35.82
C GLU B 217 8.60 8.21 35.13
N PRO B 218 8.87 9.52 34.97
CA PRO B 218 7.96 10.32 34.16
C PRO B 218 7.89 9.82 32.70
N VAL B 219 6.68 9.91 32.14
CA VAL B 219 6.44 9.54 30.75
C VAL B 219 7.29 10.43 29.84
N LYS B 220 7.90 9.84 28.81
CA LYS B 220 8.65 10.59 27.81
C LYS B 220 8.02 10.46 26.45
N GLU B 221 8.16 11.49 25.63
CA GLU B 221 7.75 11.45 24.24
C GLU B 221 8.92 11.00 23.37
N ILE B 222 8.63 10.16 22.39
CA ILE B 222 9.66 9.62 21.50
C ILE B 222 9.77 10.50 20.25
N SER B 223 11.01 10.80 19.86
CA SER B 223 11.27 11.53 18.61
C SER B 223 11.56 10.56 17.46
N ILE B 224 10.77 10.67 16.39
CA ILE B 224 11.02 9.93 15.16
C ILE B 224 11.50 10.94 14.11
N VAL B 225 12.61 10.61 13.46
CA VAL B 225 13.28 11.54 12.52
C VAL B 225 13.47 10.85 11.18
N ASP B 226 13.67 11.64 10.14
CA ASP B 226 14.00 11.09 8.80
C ASP B 226 15.50 10.76 8.72
N GLU B 227 15.95 10.24 7.58
CA GLU B 227 17.35 9.82 7.41
C GLU B 227 18.36 10.98 7.43
N GLN B 228 17.88 12.20 7.18
CA GLN B 228 18.66 13.44 7.39
C GLN B 228 18.76 13.89 8.87
N GLY B 229 18.04 13.23 9.77
CA GLY B 229 18.05 13.57 11.18
C GLY B 229 17.02 14.61 11.60
N ASN B 230 16.13 15.02 10.68
CA ASN B 230 15.10 16.01 10.98
C ASN B 230 13.78 15.35 11.39
N PRO B 231 13.03 15.97 12.34
CA PRO B 231 11.76 15.41 12.80
C PRO B 231 10.78 15.11 11.69
N ILE B 232 10.11 13.97 11.77
CA ILE B 232 8.97 13.68 10.90
C ILE B 232 7.91 14.72 11.26
N LEU B 233 7.34 15.37 10.25
CA LEU B 233 6.41 16.48 10.46
C LEU B 233 4.97 16.01 10.50
N GLY B 234 4.10 16.81 11.12
CA GLY B 234 2.68 16.52 11.26
C GLY B 234 1.96 16.28 9.94
N GLY B 235 2.36 17.01 8.90
CA GLY B 235 1.78 16.83 7.56
C GLY B 235 2.22 15.60 6.79
N ASP B 236 3.19 14.86 7.31
CA ASP B 236 3.75 13.70 6.64
C ASP B 236 3.02 12.44 7.10
N HIS B 237 1.78 12.26 6.62
CA HIS B 237 0.91 11.16 7.08
C HIS B 237 1.37 9.79 6.62
N ASP B 238 2.22 9.72 5.57
CA ASP B 238 2.79 8.45 5.13
C ASP B 238 3.77 7.85 6.13
N ARG B 239 4.38 8.70 6.95
CA ARG B 239 5.43 8.26 7.88
C ARG B 239 5.18 8.56 9.36
N ARG B 240 4.33 9.53 9.69
CA ARG B 240 4.17 9.96 11.09
C ARG B 240 3.35 8.97 11.93
N PHE B 241 3.69 8.89 13.21
CA PHE B 241 3.02 8.00 14.15
C PHE B 241 1.53 8.25 14.28
N PHE B 242 0.75 7.18 14.18
CA PHE B 242 -0.69 7.28 14.41
C PHE B 242 -1.12 6.46 15.62
N GLU B 243 -0.81 5.17 15.61
CA GLU B 243 -1.16 4.28 16.73
C GLU B 243 -0.36 2.98 16.63
N ALA B 244 -0.66 2.04 17.52
CA ALA B 244 -0.16 0.67 17.42
C ALA B 244 1.36 0.54 17.54
N ALA B 245 1.99 1.30 18.45
CA ALA B 245 3.43 1.16 18.70
C ALA B 245 3.81 -0.27 19.06
N TRP B 246 4.96 -0.71 18.58
CA TRP B 246 5.52 -2.02 18.93
C TRP B 246 7.04 -1.90 18.91
N MET B 247 7.69 -2.55 19.87
CA MET B 247 9.14 -2.57 19.96
C MET B 247 9.63 -3.99 19.84
N HIS B 248 10.63 -4.21 18.98
CA HIS B 248 11.39 -5.45 19.04
C HIS B 248 12.85 -5.13 18.78
N LYS B 249 13.70 -6.07 19.17
CA LYS B 249 15.13 -5.91 19.12
C LYS B 249 15.69 -7.00 18.20
N TYR B 250 16.51 -6.61 17.23
CA TYR B 250 17.16 -7.54 16.32
C TYR B 250 18.63 -7.13 16.12
N ASN B 251 19.54 -8.06 16.40
CA ASN B 251 20.99 -7.82 16.32
C ASN B 251 21.44 -6.50 16.96
N GLY B 252 20.96 -6.29 18.19
CA GLY B 252 21.34 -5.12 18.98
C GLY B 252 20.61 -3.82 18.66
N THR B 253 19.81 -3.79 17.59
CA THR B 253 19.14 -2.55 17.18
C THR B 253 17.68 -2.61 17.66
N TYR B 254 17.18 -1.45 18.08
CA TYR B 254 15.79 -1.31 18.54
C TYR B 254 14.91 -0.88 17.37
N TYR B 255 13.85 -1.66 17.10
CA TYR B 255 12.93 -1.43 15.99
C TYR B 255 11.59 -0.96 16.53
N LEU B 256 11.29 0.32 16.35
CA LEU B 256 10.00 0.88 16.71
C LEU B 256 9.12 0.82 15.47
N SER B 257 8.09 -0.01 15.52
CA SER B 257 7.13 -0.09 14.42
C SER B 257 5.76 0.42 14.86
N TYR B 258 4.95 0.85 13.90
CA TYR B 258 3.68 1.48 14.20
C TYR B 258 2.80 1.63 12.99
N SER B 259 1.53 1.92 13.24
CA SER B 259 0.56 2.18 12.20
C SER B 259 0.55 3.67 11.91
N THR B 260 0.38 4.00 10.64
CA THR B 260 0.21 5.38 10.19
C THR B 260 -1.27 5.79 10.03
N GLY B 261 -2.20 4.87 10.31
CA GLY B 261 -3.61 5.21 10.42
C GLY B 261 -4.28 5.56 9.11
N ASP B 262 -4.48 6.85 8.85
CA ASP B 262 -5.18 7.26 7.64
C ASP B 262 -4.46 6.95 6.32
N THR B 263 -3.16 6.67 6.38
CA THR B 263 -2.42 6.15 5.22
C THR B 263 -2.23 4.63 5.23
N HIS B 264 -2.68 3.97 6.30
CA HIS B 264 -2.90 2.52 6.31
C HIS B 264 -1.66 1.64 6.22
N TYR B 265 -0.49 2.15 6.61
CA TYR B 265 0.74 1.35 6.62
C TYR B 265 1.13 0.95 8.04
N ILE B 266 1.82 -0.18 8.16
CA ILE B 266 2.71 -0.41 9.28
C ILE B 266 4.10 -0.01 8.78
N VAL B 267 4.75 0.90 9.50
CA VAL B 267 6.10 1.35 9.17
C VAL B 267 7.01 1.13 10.36
N TYR B 268 8.31 1.39 10.18
CA TYR B 268 9.25 1.23 11.27
C TYR B 268 10.39 2.22 11.21
N ALA B 269 10.95 2.47 12.39
CA ALA B 269 12.11 3.33 12.57
C ALA B 269 13.06 2.65 13.54
N THR B 270 14.36 2.88 13.39
CA THR B 270 15.38 2.18 14.19
C THR B 270 16.19 3.12 15.08
N GLY B 271 16.65 2.58 16.21
CA GLY B 271 17.49 3.32 17.16
C GLY B 271 18.40 2.42 17.96
N ASP B 272 19.21 3.03 18.83
CA ASP B 272 20.24 2.31 19.59
C ASP B 272 19.90 2.12 21.07
N ASN B 273 18.73 2.59 21.49
CA ASN B 273 18.27 2.43 22.87
C ASN B 273 16.74 2.51 22.89
N PRO B 274 16.09 2.09 24.00
CA PRO B 274 14.62 2.07 24.04
C PRO B 274 13.90 3.41 23.82
N TYR B 275 14.55 4.52 24.17
CA TYR B 275 13.94 5.84 24.15
C TYR B 275 14.10 6.58 22.82
N GLY B 276 14.91 6.05 21.92
CA GLY B 276 15.19 6.72 20.64
C GLY B 276 16.21 7.84 20.83
N PRO B 277 16.26 8.83 19.94
CA PRO B 277 15.38 8.95 18.75
C PRO B 277 15.47 7.80 17.76
N PHE B 278 14.40 7.59 16.98
CA PHE B 278 14.34 6.53 15.98
C PHE B 278 14.33 7.12 14.58
N THR B 279 15.14 6.55 13.69
CA THR B 279 15.23 6.99 12.31
C THR B 279 14.29 6.17 11.43
N TYR B 280 13.33 6.84 10.80
CA TYR B 280 12.40 6.21 9.87
C TYR B 280 13.16 5.42 8.80
N ARG B 281 12.77 4.17 8.59
CA ARG B 281 13.41 3.30 7.59
C ARG B 281 12.50 2.97 6.42
N GLY B 282 11.31 2.45 6.69
CA GLY B 282 10.39 2.08 5.61
C GLY B 282 9.14 1.37 6.06
N VAL B 283 8.49 0.72 5.10
CA VAL B 283 7.20 0.06 5.30
C VAL B 283 7.40 -1.40 5.68
N ILE B 284 6.71 -1.84 6.72
CA ILE B 284 6.65 -3.26 7.10
C ILE B 284 5.51 -3.94 6.36
N LEU B 285 4.32 -3.34 6.43
CA LEU B 285 3.10 -3.94 5.87
C LEU B 285 2.30 -2.89 5.14
N ASN B 286 2.05 -3.16 3.86
CA ASN B 286 1.19 -2.32 3.04
C ASN B 286 -0.29 -2.46 3.46
N PRO B 287 -1.17 -1.59 2.90
CA PRO B 287 -2.54 -1.58 3.41
C PRO B 287 -3.30 -2.87 3.21
N VAL B 288 -4.19 -3.14 4.15
CA VAL B 288 -4.98 -4.36 4.17
C VAL B 288 -6.42 -4.02 3.79
N ILE B 289 -7.24 -5.06 3.72
CA ILE B 289 -8.69 -4.90 3.61
C ILE B 289 -9.21 -4.28 4.91
N GLY B 290 -9.95 -3.18 4.81
CA GLY B 290 -10.45 -2.47 5.99
C GLY B 290 -9.49 -1.38 6.45
N TRP B 291 -10.05 -0.34 7.08
CA TRP B 291 -9.33 0.89 7.38
C TRP B 291 -8.11 0.70 8.27
N THR B 292 -8.25 -0.08 9.35
CA THR B 292 -7.18 -0.18 10.36
C THR B 292 -6.10 -1.17 9.98
N ASN B 293 -4.89 -0.96 10.50
CA ASN B 293 -3.75 -1.84 10.29
C ASN B 293 -3.04 -1.86 11.63
N HIS B 294 -2.88 -3.05 12.21
CA HIS B 294 -2.35 -3.19 13.57
C HIS B 294 -1.69 -4.55 13.70
N HIS B 295 -0.53 -4.58 14.34
CA HIS B 295 0.39 -5.70 14.18
C HIS B 295 1.19 -6.00 15.45
N SER B 296 1.93 -7.10 15.39
CA SER B 296 3.09 -7.29 16.27
C SER B 296 4.13 -8.15 15.56
N ILE B 297 5.36 -8.10 16.08
CA ILE B 297 6.51 -8.78 15.48
C ILE B 297 7.18 -9.60 16.58
N VAL B 298 7.34 -10.90 16.34
CA VAL B 298 7.83 -11.82 17.37
C VAL B 298 8.76 -12.86 16.75
N GLU B 299 9.78 -13.26 17.52
CA GLU B 299 10.68 -14.34 17.11
C GLU B 299 10.23 -15.63 17.78
N PHE B 300 10.10 -16.70 17.01
CA PHE B 300 9.72 -18.01 17.53
C PHE B 300 10.48 -19.10 16.79
N ASN B 301 11.23 -19.91 17.54
CA ASN B 301 12.07 -20.98 16.99
C ASN B 301 12.97 -20.51 15.85
N GLY B 302 13.66 -19.40 16.09
CA GLY B 302 14.62 -18.85 15.14
C GLY B 302 14.06 -18.23 13.86
N LYS B 303 12.75 -18.03 13.79
CA LYS B 303 12.12 -17.30 12.68
C LYS B 303 11.36 -16.11 13.24
N TRP B 304 11.27 -15.05 12.45
CA TRP B 304 10.49 -13.87 12.83
C TRP B 304 9.14 -13.90 12.12
N TYR B 305 8.12 -13.42 12.83
CA TYR B 305 6.74 -13.44 12.34
C TYR B 305 6.08 -12.08 12.54
N LEU B 306 5.30 -11.67 11.54
CA LEU B 306 4.41 -10.52 11.64
C LEU B 306 2.98 -11.02 11.83
N PHE B 307 2.40 -10.76 13.00
CA PHE B 307 0.97 -10.92 13.23
C PHE B 307 0.29 -9.61 12.85
N TYR B 308 -0.82 -9.68 12.14
CA TYR B 308 -1.56 -8.50 11.71
C TYR B 308 -3.04 -8.86 11.61
N HIS B 309 -3.87 -7.94 11.12
CA HIS B 309 -5.28 -8.25 10.89
C HIS B 309 -5.79 -7.64 9.59
N ASP B 310 -6.97 -8.06 9.18
CA ASP B 310 -7.73 -7.37 8.13
C ASP B 310 -9.21 -7.63 8.30
N SER B 311 -10.01 -7.06 7.40
CA SER B 311 -11.46 -7.22 7.44
C SER B 311 -11.97 -8.25 6.40
N SER B 312 -11.13 -9.20 6.01
CA SER B 312 -11.47 -10.14 4.93
C SER B 312 -12.59 -11.09 5.33
N LEU B 313 -12.54 -11.61 6.56
CA LEU B 313 -13.54 -12.59 7.01
C LEU B 313 -14.96 -12.02 7.07
N SER B 314 -15.08 -10.74 7.43
CA SER B 314 -16.39 -10.10 7.52
C SER B 314 -16.90 -9.53 6.18
N GLY B 315 -16.17 -9.75 5.10
CA GLY B 315 -16.49 -9.14 3.82
C GLY B 315 -16.22 -7.65 3.78
N GLY B 316 -15.25 -7.19 4.56
CA GLY B 316 -14.78 -5.81 4.52
C GLY B 316 -15.35 -4.85 5.56
N LYS B 317 -15.99 -5.35 6.61
CA LYS B 317 -16.50 -4.48 7.66
C LYS B 317 -15.34 -4.03 8.54
N THR B 318 -15.18 -2.71 8.69
CA THR B 318 -14.04 -2.10 9.39
C THR B 318 -13.84 -2.63 10.81
N HIS B 319 -14.95 -2.86 11.49
CA HIS B 319 -14.98 -3.21 12.92
C HIS B 319 -15.08 -4.71 13.18
N LEU B 320 -15.04 -5.55 12.15
CA LEU B 320 -15.12 -6.99 12.31
C LEU B 320 -13.93 -7.58 11.59
N ARG B 321 -12.84 -7.73 12.33
CA ARG B 321 -11.56 -8.07 11.74
C ARG B 321 -11.17 -9.51 12.07
N CYS B 322 -10.13 -9.99 11.41
CA CYS B 322 -9.55 -11.30 11.73
C CYS B 322 -8.04 -11.21 11.68
N ILE B 323 -7.39 -11.86 12.63
CA ILE B 323 -5.92 -11.87 12.67
C ILE B 323 -5.31 -12.90 11.73
N LYS B 324 -4.12 -12.57 11.25
CA LYS B 324 -3.35 -13.37 10.31
C LYS B 324 -1.88 -13.31 10.72
N VAL B 325 -1.07 -14.17 10.13
CA VAL B 325 0.36 -14.19 10.41
C VAL B 325 1.13 -14.53 9.15
N THR B 326 2.33 -13.97 9.03
CA THR B 326 3.23 -14.30 7.94
C THR B 326 4.68 -14.11 8.39
N GLU B 327 5.60 -14.78 7.72
CA GLU B 327 7.01 -14.69 8.09
C GLU B 327 7.55 -13.30 7.73
N LEU B 328 8.40 -12.76 8.60
CA LEU B 328 9.03 -11.46 8.41
C LEU B 328 10.53 -11.69 8.28
N THR B 329 11.16 -10.95 7.38
CA THR B 329 12.59 -11.12 7.08
C THR B 329 13.37 -9.85 7.34
N HIS B 330 14.39 -9.95 8.18
CA HIS B 330 15.38 -8.90 8.34
C HIS B 330 16.48 -9.15 7.34
N ASN B 331 16.82 -8.14 6.55
CA ASN B 331 17.92 -8.24 5.58
C ASN B 331 19.27 -8.08 6.26
N ALA B 332 20.34 -8.36 5.50
CA ALA B 332 21.71 -8.23 5.99
C ALA B 332 22.05 -6.82 6.47
N ASP B 333 21.53 -5.80 5.79
CA ASP B 333 21.75 -4.40 6.16
C ASP B 333 20.87 -3.91 7.33
N GLY B 334 20.10 -4.81 7.96
CA GLY B 334 19.25 -4.46 9.09
C GLY B 334 17.83 -4.02 8.71
N THR B 335 17.56 -3.77 7.42
CA THR B 335 16.23 -3.37 7.00
C THR B 335 15.30 -4.57 7.03
N ILE B 336 13.99 -4.31 7.08
CA ILE B 336 12.98 -5.35 7.05
C ILE B 336 12.37 -5.32 5.65
N GLU B 337 12.15 -6.50 5.07
CA GLU B 337 11.53 -6.61 3.75
C GLU B 337 10.04 -6.29 3.85
N THR B 338 9.58 -5.37 3.00
CA THR B 338 8.17 -4.98 3.02
C THR B 338 7.28 -6.14 2.62
N ILE B 339 6.18 -6.32 3.36
CA ILE B 339 5.20 -7.35 3.08
C ILE B 339 3.97 -6.69 2.46
N SER B 340 3.50 -7.25 1.34
CA SER B 340 2.24 -6.86 0.73
C SER B 340 1.26 -8.01 0.97
N PRO B 341 0.16 -7.73 1.69
CA PRO B 341 -0.69 -8.81 2.21
C PRO B 341 -1.37 -9.74 1.19
N TYR B 342 -1.61 -9.29 -0.04
CA TYR B 342 -2.42 -10.09 -1.00
C TYR B 342 -1.66 -10.36 -2.31
N ILE B 343 -0.36 -10.57 -2.18
CA ILE B 343 0.50 -10.90 -3.31
C ILE B 343 1.33 -12.13 -2.95
N GLU B 344 0.99 -13.27 -3.56
CA GLU B 344 1.90 -14.43 -3.69
C GLU B 344 1.28 -15.51 -4.58
#